data_4BXU
#
_entry.id   4BXU
#
_cell.length_a   1.000
_cell.length_b   1.000
_cell.length_c   1.000
_cell.angle_alpha   90.00
_cell.angle_beta   90.00
_cell.angle_gamma   90.00
#
_symmetry.space_group_name_H-M   'P 1'
#
loop_
_entity.id
_entity.type
_entity.pdbx_description
1 polymer 'PEROXISOMAL MEMBRANE PROTEIN PEX14'
2 polymer 'PEROXISOMAL TARGETING SIGNAL 1 RECEPTOR'
#
loop_
_entity_poly.entity_id
_entity_poly.type
_entity_poly.pdbx_seq_one_letter_code
_entity_poly.pdbx_strand_id
1 'polypeptide(L)' GAMATPGSENVLPREPLIATAVKFLQNSRVRQSPLATRRAFLKKKGLTDEEIDMAFQQSGTAADEPSSL A
2 'polypeptide(L)' ASEDELVAEFLQDQN B
#
# COMPACT_ATOMS: atom_id res chain seq x y z
N GLY A 1 3.28 -18.28 -10.65
CA GLY A 1 2.95 -17.06 -11.44
C GLY A 1 4.16 -16.17 -11.65
N ALA A 2 4.72 -15.67 -10.55
CA ALA A 2 5.88 -14.79 -10.56
C ALA A 2 5.61 -13.50 -11.34
N MET A 3 5.98 -13.49 -12.61
CA MET A 3 5.80 -12.31 -13.45
C MET A 3 4.41 -12.29 -14.07
N ALA A 4 3.85 -13.47 -14.28
CA ALA A 4 2.55 -13.58 -14.91
C ALA A 4 1.50 -14.05 -13.92
N THR A 5 0.79 -13.12 -13.33
CA THR A 5 -0.30 -13.45 -12.42
C THR A 5 -1.58 -13.71 -13.21
N PRO A 6 -2.10 -14.94 -13.15
CA PRO A 6 -3.32 -15.31 -13.88
C PRO A 6 -4.54 -14.58 -13.34
N GLY A 7 -4.96 -13.54 -14.06
CA GLY A 7 -6.12 -12.79 -13.66
C GLY A 7 -7.34 -13.19 -14.47
N SER A 8 -8.17 -12.21 -14.82
CA SER A 8 -9.36 -12.46 -15.61
C SER A 8 -8.97 -12.91 -17.02
N GLU A 9 -7.97 -12.25 -17.58
CA GLU A 9 -7.47 -12.59 -18.90
C GLU A 9 -5.97 -12.30 -18.96
N ASN A 10 -5.61 -11.11 -18.47
CA ASN A 10 -4.22 -10.68 -18.44
C ASN A 10 -3.71 -10.76 -17.02
N VAL A 11 -2.50 -10.26 -16.78
CA VAL A 11 -1.95 -10.21 -15.44
C VAL A 11 -2.82 -9.34 -14.54
N LEU A 12 -2.90 -9.70 -13.28
CA LEU A 12 -3.72 -8.96 -12.33
C LEU A 12 -2.93 -7.79 -11.77
N PRO A 13 -3.50 -6.58 -11.84
CA PRO A 13 -2.85 -5.35 -11.35
C PRO A 13 -2.81 -5.26 -9.82
N ARG A 14 -2.64 -6.41 -9.18
CA ARG A 14 -2.61 -6.49 -7.73
C ARG A 14 -1.31 -5.90 -7.19
N GLU A 15 -0.20 -6.25 -7.85
CA GLU A 15 1.14 -5.79 -7.44
C GLU A 15 1.28 -4.27 -7.50
N PRO A 16 0.88 -3.63 -8.63
CA PRO A 16 0.96 -2.16 -8.73
C PRO A 16 0.08 -1.50 -7.63
N LEU A 17 -1.06 -2.11 -7.29
CA LEU A 17 -1.96 -1.59 -6.24
C LEU A 17 -1.23 -1.73 -4.87
N ILE A 18 -0.66 -2.91 -4.62
CA ILE A 18 0.08 -3.17 -3.38
C ILE A 18 1.23 -2.13 -3.33
N ALA A 19 1.92 -1.93 -4.46
CA ALA A 19 3.03 -0.96 -4.53
C ALA A 19 2.52 0.44 -4.13
N THR A 20 1.31 0.80 -4.60
CA THR A 20 0.70 2.10 -4.28
C THR A 20 0.43 2.16 -2.76
N ALA A 21 -0.08 1.05 -2.20
CA ALA A 21 -0.37 0.95 -0.77
C ALA A 21 0.92 1.09 0.05
N VAL A 22 2.04 0.58 -0.48
CA VAL A 22 3.32 0.68 0.21
C VAL A 22 3.71 2.19 0.32
N LYS A 23 3.52 2.94 -0.78
CA LYS A 23 3.84 4.39 -0.82
C LYS A 23 2.97 5.12 0.18
N PHE A 24 1.70 4.73 0.24
CA PHE A 24 0.73 5.30 1.16
C PHE A 24 1.24 5.07 2.60
N LEU A 25 1.58 3.82 2.94
CA LEU A 25 2.06 3.45 4.28
C LEU A 25 3.39 4.09 4.67
N GLN A 26 4.18 4.49 3.67
CA GLN A 26 5.47 5.11 3.93
C GLN A 26 5.35 6.64 4.08
N ASN A 27 4.18 7.19 3.75
CA ASN A 27 3.93 8.64 3.84
C ASN A 27 3.98 9.13 5.27
N SER A 28 4.69 10.24 5.48
CA SER A 28 4.85 10.83 6.82
C SER A 28 3.57 11.13 7.58
N ARG A 29 2.61 11.75 6.89
CA ARG A 29 1.33 12.07 7.51
C ARG A 29 0.55 10.80 7.82
N VAL A 30 0.58 9.85 6.90
CA VAL A 30 -0.12 8.59 7.07
C VAL A 30 0.39 7.81 8.29
N ARG A 31 1.71 7.78 8.46
CA ARG A 31 2.33 7.07 9.58
C ARG A 31 1.95 7.62 10.94
N GLN A 32 1.39 8.83 10.96
CA GLN A 32 0.97 9.46 12.21
C GLN A 32 -0.36 8.92 12.71
N SER A 33 -1.13 8.31 11.81
CA SER A 33 -2.43 7.77 12.16
C SER A 33 -2.32 6.40 12.82
N PRO A 34 -3.29 6.03 13.67
CA PRO A 34 -3.27 4.73 14.32
C PRO A 34 -3.25 3.61 13.27
N LEU A 35 -2.60 2.50 13.61
CA LEU A 35 -2.50 1.36 12.72
C LEU A 35 -3.87 0.95 12.15
N ALA A 36 -4.87 0.76 13.02
CA ALA A 36 -6.21 0.36 12.59
C ALA A 36 -6.79 1.29 11.53
N THR A 37 -6.47 2.57 11.66
CA THR A 37 -6.92 3.63 10.74
C THR A 37 -6.28 3.44 9.36
N ARG A 38 -4.99 3.13 9.34
CA ARG A 38 -4.25 2.90 8.10
C ARG A 38 -4.80 1.64 7.38
N ARG A 39 -5.02 0.56 8.13
CA ARG A 39 -5.56 -0.67 7.55
C ARG A 39 -6.97 -0.43 6.99
N ALA A 40 -7.82 0.22 7.80
CA ALA A 40 -9.20 0.52 7.39
C ALA A 40 -9.24 1.41 6.16
N PHE A 41 -8.32 2.37 6.08
CA PHE A 41 -8.28 3.27 4.93
C PHE A 41 -8.03 2.43 3.67
N LEU A 42 -7.05 1.53 3.74
CA LEU A 42 -6.71 0.64 2.62
C LEU A 42 -7.90 -0.28 2.26
N LYS A 43 -8.64 -0.75 3.28
CA LYS A 43 -9.79 -1.62 3.04
C LYS A 43 -10.87 -0.84 2.27
N LYS A 44 -11.12 0.42 2.63
CA LYS A 44 -12.15 1.23 1.94
C LYS A 44 -11.73 1.53 0.51
N LYS A 45 -10.43 1.41 0.24
CA LYS A 45 -9.86 1.64 -1.08
C LYS A 45 -10.02 0.36 -1.94
N GLY A 46 -10.46 -0.73 -1.31
CA GLY A 46 -10.65 -1.98 -2.02
C GLY A 46 -9.61 -3.07 -1.86
N LEU A 47 -8.61 -2.85 -1.01
CA LEU A 47 -7.60 -3.87 -0.80
C LEU A 47 -8.14 -4.89 0.25
N THR A 48 -7.69 -6.14 0.15
CA THR A 48 -8.13 -7.16 1.08
C THR A 48 -7.05 -7.20 2.20
N ASP A 49 -7.35 -7.85 3.31
CA ASP A 49 -6.39 -7.95 4.43
C ASP A 49 -5.10 -8.64 3.95
N GLU A 50 -5.23 -9.61 3.04
CA GLU A 50 -4.09 -10.35 2.49
C GLU A 50 -3.15 -9.36 1.76
N GLU A 51 -3.75 -8.48 0.96
CA GLU A 51 -3.00 -7.46 0.20
C GLU A 51 -2.39 -6.39 1.12
N ILE A 52 -3.14 -6.02 2.17
CA ILE A 52 -2.67 -5.02 3.13
C ILE A 52 -1.47 -5.58 3.90
N ASP A 53 -1.56 -6.86 4.31
CA ASP A 53 -0.48 -7.53 5.04
C ASP A 53 0.79 -7.47 4.17
N MET A 54 0.64 -7.80 2.87
CA MET A 54 1.76 -7.78 1.91
C MET A 54 2.35 -6.35 1.79
N ALA A 55 1.48 -5.33 1.80
CA ALA A 55 1.92 -3.93 1.72
C ALA A 55 2.78 -3.62 2.96
N PHE A 56 2.29 -3.99 4.15
CA PHE A 56 3.04 -3.73 5.39
C PHE A 56 4.38 -4.49 5.33
N GLN A 57 4.34 -5.72 4.84
CA GLN A 57 5.54 -6.54 4.76
C GLN A 57 6.64 -5.88 3.91
N GLN A 58 6.22 -5.24 2.82
CA GLN A 58 7.17 -4.58 1.92
C GLN A 58 7.47 -3.12 2.20
N SER A 59 6.82 -2.56 3.23
CA SER A 59 6.97 -1.16 3.61
C SER A 59 8.26 -0.79 4.29
N GLY A 60 9.00 -1.78 4.74
CA GLY A 60 10.32 -1.54 5.28
C GLY A 60 11.37 -1.63 4.20
N THR A 61 12.25 -2.60 4.31
CA THR A 61 13.21 -2.89 3.27
C THR A 61 13.51 -4.37 3.25
N ALA A 62 12.63 -5.12 2.60
CA ALA A 62 12.76 -6.56 2.56
C ALA A 62 12.03 -7.14 1.37
N ALA A 63 12.28 -8.42 1.10
CA ALA A 63 11.64 -9.14 0.01
C ALA A 63 11.89 -10.62 0.18
N ASP A 64 10.97 -11.31 0.82
CA ASP A 64 11.15 -12.72 1.13
C ASP A 64 11.12 -13.56 -0.14
N GLU A 65 10.25 -13.19 -1.07
CA GLU A 65 10.21 -13.83 -2.37
C GLU A 65 11.12 -13.08 -3.34
N PRO A 66 12.15 -13.76 -3.86
CA PRO A 66 13.12 -13.15 -4.77
C PRO A 66 12.48 -12.68 -6.08
N SER A 67 12.14 -11.40 -6.12
CA SER A 67 11.53 -10.77 -7.28
C SER A 67 11.59 -9.26 -7.14
N SER A 68 11.41 -8.78 -5.91
CA SER A 68 11.53 -7.36 -5.56
C SER A 68 10.43 -6.52 -6.19
N LEU A 69 9.51 -6.05 -5.35
CA LEU A 69 8.46 -5.11 -5.78
C LEU A 69 9.00 -3.69 -5.74
N ALA B 1 -8.09 8.08 -11.16
CA ALA B 1 -8.09 8.83 -9.93
C ALA B 1 -6.73 8.72 -9.24
N SER B 2 -6.38 9.73 -8.47
CA SER B 2 -5.12 9.72 -7.74
C SER B 2 -5.36 9.41 -6.27
N GLU B 3 -4.31 9.01 -5.57
CA GLU B 3 -4.42 8.60 -4.18
C GLU B 3 -4.39 9.82 -3.26
N ASP B 4 -4.11 10.99 -3.83
CA ASP B 4 -3.97 12.23 -3.05
C ASP B 4 -5.24 12.53 -2.24
N GLU B 5 -6.39 12.42 -2.90
CA GLU B 5 -7.67 12.67 -2.22
C GLU B 5 -7.84 11.74 -1.02
N LEU B 6 -7.41 10.50 -1.17
CA LEU B 6 -7.53 9.52 -0.10
C LEU B 6 -6.55 9.81 1.03
N VAL B 7 -5.27 9.97 0.69
CA VAL B 7 -4.26 10.22 1.71
C VAL B 7 -4.64 11.46 2.54
N ALA B 8 -5.04 12.51 1.85
CA ALA B 8 -5.41 13.74 2.50
C ALA B 8 -6.64 13.56 3.38
N GLU B 9 -7.66 12.88 2.84
CA GLU B 9 -8.85 12.54 3.63
C GLU B 9 -8.44 11.75 4.87
N PHE B 10 -7.51 10.83 4.67
CA PHE B 10 -7.00 9.97 5.73
C PHE B 10 -6.49 10.77 6.93
N LEU B 11 -5.36 11.46 6.77
CA LEU B 11 -4.76 12.13 7.92
C LEU B 11 -5.51 13.39 8.35
N GLN B 12 -6.29 14.00 7.46
CA GLN B 12 -7.09 15.15 7.86
C GLN B 12 -8.24 14.73 8.75
N ASP B 13 -8.84 13.58 8.44
CA ASP B 13 -9.96 13.07 9.24
C ASP B 13 -9.46 12.46 10.54
N GLN B 14 -8.30 11.82 10.48
CA GLN B 14 -7.72 11.17 11.65
C GLN B 14 -6.73 12.09 12.36
N ASN B 15 -6.77 13.38 12.04
CA ASN B 15 -5.86 14.34 12.62
C ASN B 15 -6.16 14.54 14.10
N GLY A 1 -7.74 -16.92 -20.73
CA GLY A 1 -6.95 -18.02 -21.32
C GLY A 1 -6.25 -18.84 -20.25
N ALA A 2 -5.16 -19.48 -20.62
CA ALA A 2 -4.41 -20.32 -19.70
C ALA A 2 -3.44 -19.49 -18.86
N MET A 3 -3.61 -19.54 -17.55
CA MET A 3 -2.74 -18.78 -16.66
C MET A 3 -2.40 -19.59 -15.41
N ALA A 4 -1.12 -19.84 -15.22
CA ALA A 4 -0.62 -20.46 -14.00
C ALA A 4 0.31 -19.47 -13.30
N THR A 5 0.97 -18.65 -14.11
CA THR A 5 1.82 -17.58 -13.61
C THR A 5 1.52 -16.30 -14.38
N PRO A 6 1.53 -15.14 -13.70
CA PRO A 6 1.24 -13.86 -14.34
C PRO A 6 2.34 -13.42 -15.30
N GLY A 7 2.08 -13.60 -16.59
CA GLY A 7 3.04 -13.22 -17.61
C GLY A 7 2.37 -12.95 -18.93
N SER A 8 2.01 -14.01 -19.64
CA SER A 8 1.27 -13.89 -20.88
C SER A 8 -0.11 -13.31 -20.59
N GLU A 9 -0.74 -13.82 -19.55
CA GLU A 9 -2.00 -13.27 -19.08
C GLU A 9 -1.83 -12.72 -17.66
N ASN A 10 -2.24 -11.49 -17.49
CA ASN A 10 -2.23 -10.83 -16.19
C ASN A 10 -3.26 -9.72 -16.18
N VAL A 11 -4.48 -10.04 -15.76
CA VAL A 11 -5.59 -9.11 -15.84
C VAL A 11 -5.62 -8.17 -14.63
N LEU A 12 -5.83 -8.73 -13.44
CA LEU A 12 -6.00 -7.93 -12.23
C LEU A 12 -4.65 -7.44 -11.72
N PRO A 13 -4.42 -6.11 -11.76
CA PRO A 13 -3.17 -5.51 -11.31
C PRO A 13 -3.13 -5.36 -9.79
N ARG A 14 -2.70 -6.42 -9.12
CA ARG A 14 -2.62 -6.40 -7.67
C ARG A 14 -1.29 -5.83 -7.21
N GLU A 15 -0.20 -6.25 -7.85
CA GLU A 15 1.15 -5.79 -7.43
C GLU A 15 1.28 -4.27 -7.50
N PRO A 16 0.88 -3.63 -8.63
CA PRO A 16 0.96 -2.16 -8.73
C PRO A 16 0.08 -1.50 -7.63
N LEU A 17 -1.06 -2.11 -7.29
CA LEU A 17 -1.96 -1.59 -6.24
C LEU A 17 -1.23 -1.73 -4.87
N ILE A 18 -0.66 -2.90 -4.63
CA ILE A 18 0.08 -3.18 -3.40
C ILE A 18 1.24 -2.13 -3.32
N ALA A 19 1.92 -1.93 -4.46
CA ALA A 19 3.03 -0.96 -4.54
C ALA A 19 2.52 0.44 -4.13
N THR A 20 1.32 0.80 -4.60
CA THR A 20 0.70 2.10 -4.28
C THR A 20 0.43 2.16 -2.76
N ALA A 21 -0.08 1.05 -2.21
CA ALA A 21 -0.37 0.95 -0.77
C ALA A 21 0.92 1.09 0.05
N VAL A 22 2.04 0.58 -0.48
CA VAL A 22 3.32 0.68 0.21
C VAL A 22 3.71 2.19 0.32
N LYS A 23 3.52 2.94 -0.78
CA LYS A 23 3.84 4.39 -0.82
C LYS A 23 2.97 5.12 0.18
N PHE A 24 1.70 4.73 0.24
CA PHE A 24 0.73 5.30 1.16
C PHE A 24 1.24 5.07 2.60
N LEU A 25 1.58 3.82 2.94
CA LEU A 25 2.06 3.45 4.28
C LEU A 25 3.39 4.09 4.67
N GLN A 26 4.18 4.49 3.67
CA GLN A 26 5.47 5.11 3.93
C GLN A 26 5.35 6.64 4.08
N ASN A 27 4.18 7.19 3.75
CA ASN A 27 3.93 8.64 3.84
C ASN A 27 3.98 9.13 5.27
N SER A 28 4.69 10.24 5.48
CA SER A 28 4.85 10.83 6.82
C SER A 28 3.57 11.13 7.58
N ARG A 29 2.61 11.75 6.89
CA ARG A 29 1.32 12.08 7.50
C ARG A 29 0.55 10.80 7.82
N VAL A 30 0.58 9.85 6.90
CA VAL A 30 -0.12 8.59 7.07
C VAL A 30 0.39 7.81 8.29
N ARG A 31 1.71 7.78 8.46
CA ARG A 31 2.33 7.07 9.58
C ARG A 31 1.95 7.62 10.94
N GLN A 32 1.39 8.83 10.96
CA GLN A 32 0.97 9.46 12.21
C GLN A 32 -0.36 8.92 12.71
N SER A 33 -1.13 8.31 11.81
CA SER A 33 -2.43 7.77 12.16
C SER A 33 -2.32 6.39 12.81
N PRO A 34 -3.30 6.04 13.68
CA PRO A 34 -3.27 4.73 14.32
C PRO A 34 -3.25 3.61 13.27
N LEU A 35 -2.60 2.50 13.61
CA LEU A 35 -2.50 1.36 12.72
C LEU A 35 -3.87 0.95 12.15
N ALA A 36 -4.87 0.76 13.02
CA ALA A 36 -6.21 0.36 12.59
C ALA A 36 -6.79 1.29 11.53
N THR A 37 -6.47 2.58 11.66
CA THR A 37 -6.92 3.63 10.74
C THR A 37 -6.28 3.44 9.36
N ARG A 38 -4.99 3.13 9.34
CA ARG A 38 -4.25 2.90 8.09
C ARG A 38 -4.80 1.64 7.38
N ARG A 39 -5.02 0.56 8.13
CA ARG A 39 -5.56 -0.67 7.55
C ARG A 39 -6.97 -0.43 6.99
N ALA A 40 -7.82 0.22 7.80
CA ALA A 40 -9.20 0.52 7.39
C ALA A 40 -9.24 1.41 6.16
N PHE A 41 -8.32 2.37 6.08
CA PHE A 41 -8.28 3.27 4.93
C PHE A 41 -8.03 2.43 3.67
N LEU A 42 -7.04 1.52 3.74
CA LEU A 42 -6.71 0.64 2.62
C LEU A 42 -7.90 -0.28 2.26
N LYS A 43 -8.64 -0.75 3.28
CA LYS A 43 -9.79 -1.62 3.04
C LYS A 43 -10.87 -0.84 2.27
N LYS A 44 -11.13 0.43 2.64
CA LYS A 44 -12.15 1.23 1.94
C LYS A 44 -11.73 1.53 0.51
N LYS A 45 -10.43 1.41 0.24
CA LYS A 45 -9.86 1.64 -1.08
C LYS A 45 -10.02 0.35 -1.94
N GLY A 46 -10.46 -0.73 -1.31
CA GLY A 46 -10.65 -1.98 -2.02
C GLY A 46 -9.61 -3.07 -1.86
N LEU A 47 -8.61 -2.85 -1.01
CA LEU A 47 -7.60 -3.87 -0.80
C LEU A 47 -8.14 -4.89 0.25
N THR A 48 -7.69 -6.14 0.15
CA THR A 48 -8.13 -7.16 1.08
C THR A 48 -7.05 -7.20 2.20
N ASP A 49 -7.35 -7.85 3.31
CA ASP A 49 -6.39 -7.95 4.43
C ASP A 49 -5.10 -8.64 3.95
N GLU A 50 -5.23 -9.61 3.04
CA GLU A 50 -4.09 -10.34 2.48
C GLU A 50 -3.16 -9.37 1.77
N GLU A 51 -3.75 -8.48 0.96
CA GLU A 51 -3.00 -7.46 0.20
C GLU A 51 -2.39 -6.39 1.12
N ILE A 52 -3.14 -6.02 2.17
CA ILE A 52 -2.67 -5.02 3.13
C ILE A 52 -1.47 -5.58 3.90
N ASP A 53 -1.56 -6.86 4.31
CA ASP A 53 -0.48 -7.53 5.04
C ASP A 53 0.79 -7.47 4.17
N MET A 54 0.64 -7.80 2.87
CA MET A 54 1.76 -7.79 1.91
C MET A 54 2.35 -6.35 1.79
N ALA A 55 1.48 -5.33 1.80
CA ALA A 55 1.92 -3.93 1.72
C ALA A 55 2.78 -3.62 2.96
N PHE A 56 2.29 -3.99 4.15
CA PHE A 56 3.04 -3.73 5.39
C PHE A 56 4.38 -4.49 5.33
N GLN A 57 4.34 -5.72 4.84
CA GLN A 57 5.54 -6.54 4.76
C GLN A 57 6.64 -5.88 3.91
N GLN A 58 6.22 -5.24 2.82
CA GLN A 58 7.17 -4.58 1.92
C GLN A 58 7.47 -3.12 2.20
N SER A 59 6.81 -2.56 3.22
CA SER A 59 6.97 -1.16 3.61
C SER A 59 8.27 -0.79 4.29
N GLY A 60 9.00 -1.79 4.74
CA GLY A 60 10.27 -1.54 5.38
C GLY A 60 11.39 -2.30 4.71
N THR A 61 11.88 -3.32 5.37
CA THR A 61 12.96 -4.12 4.84
C THR A 61 12.43 -5.45 4.29
N ALA A 62 12.12 -5.45 3.00
CA ALA A 62 11.65 -6.66 2.34
C ALA A 62 12.82 -7.43 1.77
N ALA A 63 13.82 -6.69 1.32
CA ALA A 63 15.07 -7.26 0.89
C ALA A 63 16.20 -6.71 1.74
N ASP A 64 17.16 -7.55 2.09
CA ASP A 64 18.24 -7.14 2.97
C ASP A 64 19.30 -6.40 2.19
N GLU A 65 19.42 -5.11 2.47
CA GLU A 65 20.38 -4.25 1.79
C GLU A 65 21.49 -3.84 2.75
N PRO A 66 22.74 -4.21 2.44
CA PRO A 66 23.91 -3.86 3.26
C PRO A 66 23.99 -2.36 3.49
N SER A 67 23.96 -1.59 2.41
CA SER A 67 23.91 -0.15 2.52
C SER A 67 22.45 0.30 2.57
N SER A 68 21.96 0.53 3.76
CA SER A 68 20.59 0.96 3.96
C SER A 68 20.50 2.48 3.96
N LEU A 69 20.15 3.05 2.82
CA LEU A 69 20.04 4.49 2.70
C LEU A 69 18.57 4.86 2.58
N ALA B 1 0.71 4.26 -8.49
CA ALA B 1 -0.35 5.24 -8.66
C ALA B 1 -0.22 6.32 -7.59
N SER B 2 -0.94 7.42 -7.78
CA SER B 2 -0.86 8.52 -6.83
C SER B 2 -1.52 8.13 -5.51
N GLU B 3 -0.79 8.34 -4.41
CA GLU B 3 -1.33 8.11 -3.08
C GLU B 3 -2.12 9.33 -2.64
N ASP B 4 -2.03 10.38 -3.45
CA ASP B 4 -2.60 11.70 -3.11
C ASP B 4 -4.07 11.62 -2.73
N GLU B 5 -4.85 10.81 -3.43
CA GLU B 5 -6.29 10.70 -3.16
C GLU B 5 -6.49 10.18 -1.74
N LEU B 6 -5.88 9.03 -1.51
CA LEU B 6 -5.98 8.35 -0.24
C LEU B 6 -5.43 9.23 0.86
N VAL B 7 -4.21 9.68 0.66
CA VAL B 7 -3.49 10.44 1.66
C VAL B 7 -4.28 11.67 2.08
N ALA B 8 -4.79 12.40 1.09
CA ALA B 8 -5.48 13.64 1.35
C ALA B 8 -6.75 13.39 2.16
N GLU B 9 -7.61 12.51 1.64
CA GLU B 9 -8.84 12.17 2.34
C GLU B 9 -8.52 11.60 3.73
N PHE B 10 -7.42 10.86 3.79
CA PHE B 10 -6.98 10.19 5.00
C PHE B 10 -6.72 11.17 6.14
N LEU B 11 -5.63 11.92 6.07
CA LEU B 11 -5.26 12.77 7.21
C LEU B 11 -6.14 14.02 7.31
N GLN B 12 -6.78 14.45 6.23
CA GLN B 12 -7.68 15.59 6.32
C GLN B 12 -8.96 15.20 7.07
N ASP B 13 -9.65 14.18 6.59
CA ASP B 13 -10.94 13.80 7.16
C ASP B 13 -10.77 13.00 8.44
N GLN B 14 -9.72 12.20 8.50
CA GLN B 14 -9.48 11.32 9.64
C GLN B 14 -8.40 11.90 10.55
N ASN B 15 -8.26 13.23 10.50
CA ASN B 15 -7.26 13.95 11.31
C ASN B 15 -7.30 13.51 12.78
N GLY A 1 11.71 -10.82 0.18
CA GLY A 1 11.70 -11.12 -1.27
C GLY A 1 10.74 -12.24 -1.62
N ALA A 2 10.06 -12.08 -2.74
CA ALA A 2 9.09 -13.08 -3.19
C ALA A 2 9.78 -14.18 -3.98
N MET A 3 9.31 -15.41 -3.81
CA MET A 3 9.83 -16.53 -4.57
C MET A 3 8.89 -16.85 -5.73
N ALA A 4 7.62 -17.00 -5.41
CA ALA A 4 6.60 -17.32 -6.40
C ALA A 4 5.21 -17.05 -5.83
N THR A 5 4.68 -15.88 -6.13
CA THR A 5 3.38 -15.49 -5.62
C THR A 5 2.29 -15.68 -6.68
N PRO A 6 1.36 -16.60 -6.43
CA PRO A 6 0.21 -16.82 -7.31
C PRO A 6 -0.90 -15.82 -7.05
N GLY A 7 -1.97 -15.89 -7.81
CA GLY A 7 -3.09 -15.01 -7.57
C GLY A 7 -4.06 -14.96 -8.72
N SER A 8 -4.37 -13.75 -9.17
CA SER A 8 -5.39 -13.56 -10.19
C SER A 8 -4.97 -12.48 -11.19
N GLU A 9 -3.69 -12.19 -11.28
CA GLU A 9 -3.22 -11.10 -12.11
C GLU A 9 -3.08 -11.49 -13.57
N ASN A 10 -4.03 -11.01 -14.36
CA ASN A 10 -3.97 -11.13 -15.82
C ASN A 10 -4.49 -9.83 -16.42
N VAL A 11 -5.69 -9.45 -16.00
CA VAL A 11 -6.27 -8.17 -16.36
C VAL A 11 -6.53 -7.33 -15.12
N LEU A 12 -6.48 -7.99 -13.96
CA LEU A 12 -6.64 -7.32 -12.68
C LEU A 12 -5.28 -7.04 -12.06
N PRO A 13 -4.95 -5.76 -11.85
CA PRO A 13 -3.68 -5.37 -11.24
C PRO A 13 -3.71 -5.52 -9.72
N ARG A 14 -2.71 -6.19 -9.18
CA ARG A 14 -2.63 -6.41 -7.74
C ARG A 14 -1.31 -5.87 -7.20
N GLU A 15 -0.20 -6.25 -7.85
CA GLU A 15 1.14 -5.79 -7.44
C GLU A 15 1.28 -4.27 -7.50
N PRO A 16 0.88 -3.63 -8.63
CA PRO A 16 0.96 -2.16 -8.73
C PRO A 16 0.08 -1.50 -7.63
N LEU A 17 -1.05 -2.12 -7.30
CA LEU A 17 -1.96 -1.59 -6.24
C LEU A 17 -1.23 -1.73 -4.87
N ILE A 18 -0.66 -2.90 -4.63
CA ILE A 18 0.08 -3.18 -3.40
C ILE A 18 1.24 -2.13 -3.32
N ALA A 19 1.92 -1.93 -4.46
CA ALA A 19 3.03 -0.96 -4.53
C ALA A 19 2.52 0.44 -4.13
N THR A 20 1.32 0.80 -4.60
CA THR A 20 0.70 2.10 -4.28
C THR A 20 0.43 2.16 -2.76
N ALA A 21 -0.08 1.05 -2.21
CA ALA A 21 -0.37 0.95 -0.77
C ALA A 21 0.92 1.09 0.05
N VAL A 22 2.04 0.58 -0.48
CA VAL A 22 3.32 0.68 0.21
C VAL A 22 3.71 2.19 0.32
N LYS A 23 3.52 2.94 -0.78
CA LYS A 23 3.84 4.39 -0.83
C LYS A 23 2.97 5.12 0.18
N PHE A 24 1.70 4.73 0.24
CA PHE A 24 0.73 5.30 1.16
C PHE A 24 1.24 5.07 2.60
N LEU A 25 1.58 3.82 2.94
CA LEU A 25 2.06 3.45 4.28
C LEU A 25 3.39 4.09 4.67
N GLN A 26 4.18 4.49 3.67
CA GLN A 26 5.47 5.11 3.93
C GLN A 26 5.35 6.64 4.08
N ASN A 27 4.18 7.19 3.75
CA ASN A 27 3.93 8.64 3.84
C ASN A 27 3.98 9.13 5.27
N SER A 28 4.69 10.24 5.48
CA SER A 28 4.85 10.83 6.82
C SER A 28 3.57 11.13 7.58
N ARG A 29 2.61 11.74 6.88
CA ARG A 29 1.32 12.08 7.50
C ARG A 29 0.55 10.80 7.82
N VAL A 30 0.58 9.85 6.90
CA VAL A 30 -0.12 8.59 7.07
C VAL A 30 0.40 7.81 8.29
N ARG A 31 1.71 7.78 8.46
CA ARG A 31 2.33 7.07 9.58
C ARG A 31 1.95 7.62 10.94
N GLN A 32 1.39 8.83 10.96
CA GLN A 32 0.97 9.46 12.21
C GLN A 32 -0.36 8.92 12.71
N SER A 33 -1.13 8.31 11.81
CA SER A 33 -2.43 7.77 12.16
C SER A 33 -2.32 6.39 12.81
N PRO A 34 -3.29 6.03 13.67
CA PRO A 34 -3.27 4.73 14.32
C PRO A 34 -3.25 3.61 13.27
N LEU A 35 -2.60 2.50 13.61
CA LEU A 35 -2.50 1.36 12.72
C LEU A 35 -3.87 0.95 12.15
N ALA A 36 -4.87 0.76 13.02
CA ALA A 36 -6.21 0.36 12.59
C ALA A 36 -6.79 1.29 11.53
N THR A 37 -6.47 2.58 11.66
CA THR A 37 -6.92 3.63 10.74
C THR A 37 -6.28 3.44 9.36
N ARG A 38 -4.99 3.13 9.34
CA ARG A 38 -4.25 2.90 8.10
C ARG A 38 -4.80 1.64 7.38
N ARG A 39 -5.02 0.56 8.13
CA ARG A 39 -5.56 -0.67 7.55
C ARG A 39 -6.97 -0.43 6.99
N ALA A 40 -7.82 0.22 7.80
CA ALA A 40 -9.20 0.52 7.39
C ALA A 40 -9.24 1.41 6.16
N PHE A 41 -8.32 2.37 6.08
CA PHE A 41 -8.28 3.27 4.93
C PHE A 41 -8.03 2.43 3.67
N LEU A 42 -7.04 1.52 3.74
CA LEU A 42 -6.71 0.64 2.61
C LEU A 42 -7.90 -0.28 2.26
N LYS A 43 -8.64 -0.75 3.28
CA LYS A 43 -9.79 -1.62 3.04
C LYS A 43 -10.87 -0.84 2.27
N LYS A 44 -11.12 0.42 2.63
CA LYS A 44 -12.15 1.23 1.94
C LYS A 44 -11.73 1.53 0.51
N LYS A 45 -10.43 1.41 0.24
CA LYS A 45 -9.86 1.64 -1.08
C LYS A 45 -10.02 0.36 -1.94
N GLY A 46 -10.46 -0.73 -1.31
CA GLY A 46 -10.65 -1.98 -2.02
C GLY A 46 -9.61 -3.07 -1.86
N LEU A 47 -8.61 -2.85 -1.01
CA LEU A 47 -7.59 -3.87 -0.79
C LEU A 47 -8.14 -4.89 0.25
N THR A 48 -7.69 -6.14 0.15
CA THR A 48 -8.13 -7.16 1.08
C THR A 48 -7.05 -7.20 2.20
N ASP A 49 -7.35 -7.85 3.31
CA ASP A 49 -6.39 -7.95 4.43
C ASP A 49 -5.10 -8.64 3.95
N GLU A 50 -5.23 -9.61 3.04
CA GLU A 50 -4.10 -10.35 2.48
C GLU A 50 -3.16 -9.36 1.76
N GLU A 51 -3.75 -8.48 0.96
CA GLU A 51 -3.00 -7.46 0.20
C GLU A 51 -2.39 -6.39 1.12
N ILE A 52 -3.14 -6.02 2.17
CA ILE A 52 -2.67 -5.02 3.13
C ILE A 52 -1.47 -5.58 3.90
N ASP A 53 -1.56 -6.86 4.31
CA ASP A 53 -0.48 -7.53 5.04
C ASP A 53 0.79 -7.47 4.17
N MET A 54 0.64 -7.80 2.87
CA MET A 54 1.76 -7.78 1.91
C MET A 54 2.34 -6.35 1.79
N ALA A 55 1.48 -5.33 1.81
CA ALA A 55 1.92 -3.93 1.72
C ALA A 55 2.78 -3.62 2.96
N PHE A 56 2.29 -3.99 4.15
CA PHE A 56 3.04 -3.73 5.39
C PHE A 56 4.38 -4.49 5.33
N GLN A 57 4.34 -5.72 4.84
CA GLN A 57 5.54 -6.54 4.76
C GLN A 57 6.64 -5.88 3.91
N GLN A 58 6.22 -5.24 2.82
CA GLN A 58 7.17 -4.58 1.92
C GLN A 58 7.47 -3.12 2.20
N SER A 59 6.82 -2.56 3.23
CA SER A 59 6.97 -1.16 3.61
C SER A 59 8.26 -0.79 4.29
N GLY A 60 9.00 -1.79 4.74
CA GLY A 60 10.21 -1.56 5.49
C GLY A 60 10.25 -2.35 6.76
N THR A 61 10.08 -3.65 6.65
CA THR A 61 10.15 -4.54 7.80
C THR A 61 11.59 -4.90 8.08
N ALA A 62 12.19 -4.16 9.01
CA ALA A 62 13.61 -4.27 9.32
C ALA A 62 14.45 -3.85 8.12
N ALA A 63 14.68 -4.78 7.21
CA ALA A 63 15.45 -4.51 6.01
C ALA A 63 14.97 -5.36 4.84
N ASP A 64 14.77 -6.66 5.12
CA ASP A 64 14.42 -7.65 4.10
C ASP A 64 15.59 -7.84 3.15
N GLU A 65 15.79 -6.89 2.25
CA GLU A 65 16.97 -6.87 1.40
C GLU A 65 17.69 -5.53 1.56
N PRO A 66 18.69 -5.47 2.43
CA PRO A 66 19.47 -4.25 2.67
C PRO A 66 20.13 -3.74 1.40
N SER A 67 19.58 -2.69 0.82
CA SER A 67 20.07 -2.15 -0.43
C SER A 67 20.59 -0.72 -0.24
N SER A 68 20.71 -0.30 1.01
CA SER A 68 21.16 1.04 1.33
C SER A 68 22.50 0.98 2.06
N LEU A 69 23.55 0.66 1.34
CA LEU A 69 24.88 0.58 1.93
C LEU A 69 25.59 1.91 1.80
N ALA B 1 -3.82 5.43 -10.92
CA ALA B 1 -4.37 6.09 -9.76
C ALA B 1 -3.48 5.88 -8.54
N SER B 2 -2.87 6.95 -8.06
CA SER B 2 -1.97 6.86 -6.92
C SER B 2 -2.74 7.06 -5.61
N GLU B 3 -2.00 7.24 -4.53
CA GLU B 3 -2.60 7.34 -3.20
C GLU B 3 -3.12 8.75 -2.91
N ASP B 4 -2.81 9.70 -3.81
CA ASP B 4 -3.04 11.13 -3.58
C ASP B 4 -4.40 11.47 -2.95
N GLU B 5 -5.49 11.05 -3.59
CA GLU B 5 -6.82 11.41 -3.12
C GLU B 5 -7.08 10.84 -1.74
N LEU B 6 -6.89 9.54 -1.62
CA LEU B 6 -7.18 8.82 -0.39
C LEU B 6 -6.24 9.23 0.74
N VAL B 7 -4.97 9.46 0.42
CA VAL B 7 -4.00 9.87 1.43
C VAL B 7 -4.44 11.22 2.02
N ALA B 8 -4.82 12.12 1.14
CA ALA B 8 -5.23 13.44 1.55
C ALA B 8 -6.45 13.37 2.45
N GLU B 9 -7.47 12.62 2.02
CA GLU B 9 -8.66 12.40 2.84
C GLU B 9 -8.25 11.80 4.19
N PHE B 10 -7.30 10.89 4.12
CA PHE B 10 -6.80 10.17 5.29
C PHE B 10 -6.34 11.12 6.39
N LEU B 11 -5.22 11.81 6.17
CA LEU B 11 -4.65 12.64 7.25
C LEU B 11 -5.43 13.93 7.47
N GLN B 12 -6.18 14.39 6.47
CA GLN B 12 -7.01 15.58 6.68
C GLN B 12 -8.19 15.26 7.59
N ASP B 13 -8.72 14.04 7.46
CA ASP B 13 -9.81 13.59 8.33
C ASP B 13 -9.26 13.19 9.69
N GLN B 14 -8.14 12.48 9.68
CA GLN B 14 -7.49 12.00 10.89
C GLN B 14 -6.54 13.07 11.45
N ASN B 15 -6.82 14.33 11.10
CA ASN B 15 -5.97 15.45 11.51
C ASN B 15 -5.92 15.61 13.03
N GLY A 1 3.33 -11.69 -19.78
CA GLY A 1 3.04 -13.04 -20.31
C GLY A 1 4.20 -13.99 -20.16
N ALA A 2 4.12 -15.15 -20.80
CA ALA A 2 5.18 -16.14 -20.75
C ALA A 2 6.38 -15.68 -21.56
N MET A 3 6.12 -15.26 -22.79
CA MET A 3 7.17 -14.77 -23.67
C MET A 3 7.00 -13.27 -23.85
N ALA A 4 7.72 -12.69 -24.81
CA ALA A 4 7.65 -11.26 -25.06
C ALA A 4 6.22 -10.81 -25.35
N THR A 5 5.56 -11.52 -26.26
CA THR A 5 4.17 -11.24 -26.57
C THR A 5 3.27 -11.76 -25.45
N PRO A 6 2.47 -10.86 -24.84
CA PRO A 6 1.55 -11.24 -23.76
C PRO A 6 0.53 -12.28 -24.22
N GLY A 7 0.56 -13.44 -23.58
CA GLY A 7 -0.37 -14.50 -23.92
C GLY A 7 -1.72 -14.29 -23.26
N SER A 8 -2.04 -15.16 -22.31
CA SER A 8 -3.30 -15.07 -21.60
C SER A 8 -3.09 -14.50 -20.20
N GLU A 9 -3.44 -13.23 -20.03
CA GLU A 9 -3.30 -12.58 -18.73
C GLU A 9 -4.64 -11.95 -18.32
N ASN A 10 -5.09 -12.30 -17.13
CA ASN A 10 -6.35 -11.80 -16.60
C ASN A 10 -6.30 -11.68 -15.09
N VAL A 11 -5.73 -12.70 -14.45
CA VAL A 11 -5.62 -12.73 -13.00
C VAL A 11 -4.52 -11.77 -12.54
N LEU A 12 -4.91 -10.67 -11.94
CA LEU A 12 -3.97 -9.69 -11.47
C LEU A 12 -3.70 -9.85 -9.98
N PRO A 13 -2.43 -10.06 -9.60
CA PRO A 13 -2.02 -10.15 -8.20
C PRO A 13 -2.15 -8.80 -7.50
N ARG A 14 -2.40 -7.75 -8.30
CA ARG A 14 -2.61 -6.40 -7.80
C ARG A 14 -1.31 -5.82 -7.25
N GLU A 15 -0.20 -6.25 -7.85
CA GLU A 15 1.15 -5.79 -7.43
C GLU A 15 1.28 -4.27 -7.50
N PRO A 16 0.88 -3.63 -8.63
CA PRO A 16 0.96 -2.16 -8.73
C PRO A 16 0.08 -1.50 -7.63
N LEU A 17 -1.06 -2.11 -7.29
CA LEU A 17 -1.96 -1.59 -6.24
C LEU A 17 -1.23 -1.73 -4.87
N ILE A 18 -0.66 -2.90 -4.63
CA ILE A 18 0.08 -3.18 -3.40
C ILE A 18 1.24 -2.13 -3.32
N ALA A 19 1.93 -1.93 -4.46
CA ALA A 19 3.03 -0.96 -4.53
C ALA A 19 2.52 0.44 -4.13
N THR A 20 1.31 0.80 -4.60
CA THR A 20 0.71 2.10 -4.28
C THR A 20 0.43 2.16 -2.76
N ALA A 21 -0.08 1.05 -2.20
CA ALA A 21 -0.37 0.95 -0.77
C ALA A 21 0.92 1.09 0.05
N VAL A 22 2.04 0.58 -0.48
CA VAL A 22 3.32 0.68 0.21
C VAL A 22 3.71 2.19 0.32
N LYS A 23 3.52 2.94 -0.78
CA LYS A 23 3.84 4.39 -0.82
C LYS A 23 2.97 5.12 0.18
N PHE A 24 1.70 4.73 0.24
CA PHE A 24 0.73 5.30 1.16
C PHE A 24 1.24 5.07 2.60
N LEU A 25 1.58 3.82 2.94
CA LEU A 25 2.06 3.45 4.28
C LEU A 25 3.39 4.09 4.67
N GLN A 26 4.18 4.49 3.67
CA GLN A 26 5.47 5.11 3.93
C GLN A 26 5.35 6.64 4.08
N ASN A 27 4.18 7.19 3.75
CA ASN A 27 3.93 8.64 3.84
C ASN A 27 3.98 9.13 5.27
N SER A 28 4.69 10.24 5.48
CA SER A 28 4.85 10.83 6.82
C SER A 28 3.57 11.13 7.58
N ARG A 29 2.61 11.75 6.89
CA ARG A 29 1.32 12.08 7.50
C ARG A 29 0.55 10.80 7.82
N VAL A 30 0.58 9.85 6.90
CA VAL A 30 -0.12 8.59 7.07
C VAL A 30 0.39 7.81 8.29
N ARG A 31 1.71 7.78 8.46
CA ARG A 31 2.33 7.07 9.58
C ARG A 31 1.95 7.62 10.94
N GLN A 32 1.39 8.83 10.96
CA GLN A 32 0.97 9.46 12.21
C GLN A 32 -0.36 8.92 12.71
N SER A 33 -1.13 8.31 11.81
CA SER A 33 -2.43 7.77 12.16
C SER A 33 -2.32 6.39 12.81
N PRO A 34 -3.29 6.03 13.67
CA PRO A 34 -3.27 4.73 14.32
C PRO A 34 -3.25 3.61 13.27
N LEU A 35 -2.60 2.50 13.61
CA LEU A 35 -2.50 1.36 12.72
C LEU A 35 -3.87 0.95 12.15
N ALA A 36 -4.87 0.76 13.02
CA ALA A 36 -6.21 0.36 12.59
C ALA A 36 -6.79 1.28 11.53
N THR A 37 -6.47 2.58 11.66
CA THR A 37 -6.92 3.63 10.74
C THR A 37 -6.28 3.44 9.36
N ARG A 38 -4.99 3.13 9.34
CA ARG A 38 -4.25 2.90 8.09
C ARG A 38 -4.80 1.64 7.38
N ARG A 39 -5.02 0.56 8.13
CA ARG A 39 -5.56 -0.67 7.54
C ARG A 39 -6.97 -0.43 6.99
N ALA A 40 -7.82 0.22 7.80
CA ALA A 40 -9.20 0.52 7.39
C ALA A 40 -9.24 1.41 6.16
N PHE A 41 -8.32 2.37 6.08
CA PHE A 41 -8.27 3.28 4.92
C PHE A 41 -8.03 2.43 3.67
N LEU A 42 -7.04 1.52 3.74
CA LEU A 42 -6.71 0.64 2.62
C LEU A 42 -7.90 -0.28 2.26
N LYS A 43 -8.64 -0.75 3.28
CA LYS A 43 -9.79 -1.62 3.04
C LYS A 43 -10.87 -0.84 2.27
N LYS A 44 -11.12 0.42 2.63
CA LYS A 44 -12.15 1.23 1.94
C LYS A 44 -11.73 1.53 0.51
N LYS A 45 -10.43 1.41 0.24
CA LYS A 45 -9.87 1.64 -1.08
C LYS A 45 -10.02 0.36 -1.94
N GLY A 46 -10.46 -0.73 -1.31
CA GLY A 46 -10.65 -1.98 -2.02
C GLY A 46 -9.61 -3.07 -1.86
N LEU A 47 -8.61 -2.85 -1.01
CA LEU A 47 -7.60 -3.88 -0.79
C LEU A 47 -8.14 -4.89 0.25
N THR A 48 -7.69 -6.14 0.15
CA THR A 48 -8.13 -7.16 1.08
C THR A 48 -7.05 -7.20 2.20
N ASP A 49 -7.35 -7.85 3.31
CA ASP A 49 -6.39 -7.95 4.43
C ASP A 49 -5.10 -8.64 3.95
N GLU A 50 -5.23 -9.61 3.04
CA GLU A 50 -4.09 -10.34 2.48
C GLU A 50 -3.16 -9.37 1.77
N GLU A 51 -3.75 -8.48 0.96
CA GLU A 51 -3.00 -7.46 0.20
C GLU A 51 -2.39 -6.39 1.12
N ILE A 52 -3.14 -6.02 2.17
CA ILE A 52 -2.68 -5.02 3.13
C ILE A 52 -1.47 -5.58 3.90
N ASP A 53 -1.56 -6.86 4.31
CA ASP A 53 -0.48 -7.53 5.04
C ASP A 53 0.79 -7.47 4.17
N MET A 54 0.64 -7.80 2.87
CA MET A 54 1.76 -7.78 1.91
C MET A 54 2.34 -6.35 1.79
N ALA A 55 1.48 -5.33 1.80
CA ALA A 55 1.92 -3.93 1.72
C ALA A 55 2.78 -3.62 2.96
N PHE A 56 2.29 -3.99 4.15
CA PHE A 56 3.03 -3.73 5.39
C PHE A 56 4.38 -4.49 5.33
N GLN A 57 4.34 -5.72 4.84
CA GLN A 57 5.54 -6.54 4.76
C GLN A 57 6.64 -5.89 3.91
N GLN A 58 6.22 -5.24 2.82
CA GLN A 58 7.17 -4.58 1.92
C GLN A 58 7.47 -3.12 2.20
N SER A 59 6.81 -2.56 3.22
CA SER A 59 6.97 -1.16 3.61
C SER A 59 8.27 -0.79 4.29
N GLY A 60 8.98 -1.80 4.77
CA GLY A 60 10.21 -1.55 5.47
C GLY A 60 11.43 -1.89 4.65
N THR A 61 12.42 -1.02 4.71
CA THR A 61 13.66 -1.23 3.99
C THR A 61 14.46 -2.37 4.65
N ALA A 62 14.51 -3.51 3.99
CA ALA A 62 15.14 -4.69 4.55
C ALA A 62 16.63 -4.70 4.27
N ALA A 63 17.40 -4.31 5.26
CA ALA A 63 18.85 -4.34 5.16
C ALA A 63 19.42 -5.21 6.28
N ASP A 64 19.64 -6.49 5.97
CA ASP A 64 20.09 -7.45 6.96
C ASP A 64 21.58 -7.28 7.23
N GLU A 65 22.30 -6.80 6.23
CA GLU A 65 23.73 -6.58 6.37
C GLU A 65 24.01 -5.13 6.77
N PRO A 66 24.54 -4.93 7.98
CA PRO A 66 24.87 -3.60 8.48
C PRO A 66 26.25 -3.12 8.01
N SER A 67 27.04 -4.04 7.49
CA SER A 67 28.36 -3.70 6.99
C SER A 67 28.27 -2.93 5.68
N SER A 68 28.48 -1.62 5.76
CA SER A 68 28.36 -0.72 4.61
C SER A 68 26.95 -0.78 4.02
N LEU A 69 26.11 0.15 4.47
CA LEU A 69 24.71 0.15 4.08
C LEU A 69 24.56 0.47 2.60
N ALA B 1 -4.49 4.96 -10.11
CA ALA B 1 -4.99 6.33 -9.95
C ALA B 1 -4.09 7.09 -8.99
N SER B 2 -4.52 8.27 -8.56
CA SER B 2 -3.73 9.06 -7.64
C SER B 2 -4.09 8.72 -6.20
N GLU B 3 -3.07 8.41 -5.40
CA GLU B 3 -3.26 8.13 -3.99
C GLU B 3 -3.29 9.43 -3.19
N ASP B 4 -2.99 10.53 -3.85
CA ASP B 4 -3.04 11.86 -3.25
C ASP B 4 -4.40 12.13 -2.62
N GLU B 5 -5.45 11.69 -3.31
CA GLU B 5 -6.80 11.86 -2.82
C GLU B 5 -6.98 11.11 -1.52
N LEU B 6 -6.50 9.88 -1.51
CA LEU B 6 -6.61 9.02 -0.35
C LEU B 6 -5.81 9.55 0.80
N VAL B 7 -4.55 9.85 0.55
CA VAL B 7 -3.65 10.29 1.60
C VAL B 7 -4.19 11.55 2.28
N ALA B 8 -4.56 12.53 1.49
CA ALA B 8 -5.06 13.79 2.03
C ALA B 8 -6.34 13.57 2.80
N GLU B 9 -7.28 12.85 2.19
CA GLU B 9 -8.54 12.52 2.84
C GLU B 9 -8.28 11.76 4.15
N PHE B 10 -7.30 10.88 4.09
CA PHE B 10 -6.92 10.04 5.22
C PHE B 10 -6.56 10.87 6.45
N LEU B 11 -5.43 11.57 6.41
CA LEU B 11 -4.99 12.27 7.62
C LEU B 11 -5.83 13.51 7.92
N GLN B 12 -6.50 14.07 6.92
CA GLN B 12 -7.43 15.18 7.17
C GLN B 12 -8.61 14.70 8.00
N ASP B 13 -9.13 13.52 7.66
CA ASP B 13 -10.26 12.95 8.38
C ASP B 13 -9.84 12.39 9.73
N GLN B 14 -8.70 11.71 9.73
CA GLN B 14 -8.17 11.07 10.93
C GLN B 14 -7.87 12.11 12.01
N ASN B 15 -7.11 13.13 11.64
CA ASN B 15 -6.62 14.12 12.59
C ASN B 15 -7.71 15.12 13.00
N GLY A 1 2.96 -19.50 -7.32
CA GLY A 1 1.78 -19.41 -8.22
C GLY A 1 0.58 -20.14 -7.66
N ALA A 2 0.05 -21.08 -8.43
CA ALA A 2 -1.13 -21.83 -8.01
C ALA A 2 -0.80 -22.79 -6.87
N MET A 3 -1.18 -22.40 -5.66
CA MET A 3 -0.96 -23.23 -4.48
C MET A 3 -2.27 -23.50 -3.77
N ALA A 4 -2.89 -22.45 -3.27
CA ALA A 4 -4.21 -22.56 -2.65
C ALA A 4 -5.30 -22.32 -3.68
N THR A 5 -4.98 -21.53 -4.69
CA THR A 5 -5.91 -21.25 -5.77
C THR A 5 -5.40 -21.85 -7.08
N PRO A 6 -6.00 -22.96 -7.53
CA PRO A 6 -5.61 -23.63 -8.78
C PRO A 6 -5.80 -22.71 -10.00
N GLY A 7 -6.90 -21.98 -10.01
CA GLY A 7 -7.19 -21.08 -11.11
C GLY A 7 -6.47 -19.76 -10.98
N SER A 8 -5.19 -19.76 -11.32
CA SER A 8 -4.38 -18.55 -11.24
C SER A 8 -4.32 -17.87 -12.60
N GLU A 9 -4.44 -16.55 -12.60
CA GLU A 9 -4.41 -15.78 -13.85
C GLU A 9 -2.95 -15.48 -14.21
N ASN A 10 -2.74 -14.54 -15.11
CA ASN A 10 -1.40 -14.24 -15.60
C ASN A 10 -0.60 -13.45 -14.57
N VAL A 11 -0.99 -12.20 -14.36
CA VAL A 11 -0.23 -11.30 -13.50
C VAL A 11 -1.12 -10.70 -12.41
N LEU A 12 -2.30 -10.24 -12.82
CA LEU A 12 -3.23 -9.53 -11.93
C LEU A 12 -2.67 -8.17 -11.53
N PRO A 13 -3.47 -7.11 -11.66
CA PRO A 13 -3.06 -5.75 -11.30
C PRO A 13 -3.00 -5.53 -9.78
N ARG A 14 -2.70 -6.59 -9.05
CA ARG A 14 -2.61 -6.51 -7.60
C ARG A 14 -1.30 -5.87 -7.18
N GLU A 15 -0.20 -6.25 -7.85
CA GLU A 15 1.14 -5.79 -7.44
C GLU A 15 1.28 -4.27 -7.50
N PRO A 16 0.88 -3.63 -8.63
CA PRO A 16 0.96 -2.16 -8.73
C PRO A 16 0.08 -1.50 -7.63
N LEU A 17 -1.06 -2.11 -7.29
CA LEU A 17 -1.96 -1.59 -6.24
C LEU A 17 -1.24 -1.73 -4.88
N ILE A 18 -0.66 -2.91 -4.62
CA ILE A 18 0.08 -3.17 -3.38
C ILE A 18 1.24 -2.14 -3.33
N ALA A 19 1.92 -1.93 -4.46
CA ALA A 19 3.03 -0.96 -4.53
C ALA A 19 2.52 0.44 -4.13
N THR A 20 1.31 0.80 -4.60
CA THR A 20 0.71 2.10 -4.28
C THR A 20 0.43 2.16 -2.76
N ALA A 21 -0.08 1.05 -2.20
CA ALA A 21 -0.37 0.95 -0.77
C ALA A 21 0.92 1.09 0.05
N VAL A 22 2.04 0.58 -0.48
CA VAL A 22 3.32 0.68 0.21
C VAL A 22 3.71 2.19 0.32
N LYS A 23 3.52 2.94 -0.78
CA LYS A 23 3.84 4.39 -0.83
C LYS A 23 2.97 5.12 0.18
N PHE A 24 1.70 4.73 0.24
CA PHE A 24 0.73 5.30 1.16
C PHE A 24 1.24 5.07 2.60
N LEU A 25 1.58 3.82 2.94
CA LEU A 25 2.06 3.45 4.28
C LEU A 25 3.39 4.09 4.67
N GLN A 26 4.18 4.49 3.67
CA GLN A 26 5.47 5.11 3.93
C GLN A 26 5.35 6.64 4.08
N ASN A 27 4.18 7.19 3.75
CA ASN A 27 3.93 8.64 3.84
C ASN A 27 3.98 9.13 5.27
N SER A 28 4.69 10.24 5.48
CA SER A 28 4.85 10.83 6.82
C SER A 28 3.57 11.13 7.58
N ARG A 29 2.61 11.75 6.89
CA ARG A 29 1.33 12.07 7.51
C ARG A 29 0.55 10.80 7.82
N VAL A 30 0.58 9.85 6.90
CA VAL A 30 -0.12 8.59 7.07
C VAL A 30 0.39 7.81 8.29
N ARG A 31 1.71 7.78 8.46
CA ARG A 31 2.33 7.07 9.58
C ARG A 31 1.95 7.62 10.94
N GLN A 32 1.39 8.83 10.96
CA GLN A 32 0.97 9.46 12.21
C GLN A 32 -0.36 8.92 12.71
N SER A 33 -1.13 8.31 11.81
CA SER A 33 -2.43 7.77 12.16
C SER A 33 -2.32 6.40 12.82
N PRO A 34 -3.30 6.04 13.68
CA PRO A 34 -3.27 4.73 14.32
C PRO A 34 -3.25 3.61 13.27
N LEU A 35 -2.60 2.50 13.61
CA LEU A 35 -2.50 1.36 12.73
C LEU A 35 -3.87 0.95 12.15
N ALA A 36 -4.87 0.76 13.02
CA ALA A 36 -6.22 0.37 12.59
C ALA A 36 -6.79 1.28 11.53
N THR A 37 -6.47 2.58 11.66
CA THR A 37 -6.92 3.63 10.74
C THR A 37 -6.28 3.44 9.36
N ARG A 38 -4.99 3.13 9.34
CA ARG A 38 -4.25 2.90 8.10
C ARG A 38 -4.80 1.64 7.38
N ARG A 39 -5.02 0.56 8.13
CA ARG A 39 -5.56 -0.67 7.56
C ARG A 39 -6.97 -0.43 6.99
N ALA A 40 -7.82 0.22 7.80
CA ALA A 40 -9.20 0.52 7.39
C ALA A 40 -9.24 1.41 6.16
N PHE A 41 -8.32 2.37 6.08
CA PHE A 41 -8.28 3.27 4.93
C PHE A 41 -8.03 2.43 3.67
N LEU A 42 -7.05 1.53 3.74
CA LEU A 42 -6.71 0.64 2.62
C LEU A 42 -7.90 -0.28 2.26
N LYS A 43 -8.64 -0.75 3.28
CA LYS A 43 -9.79 -1.62 3.04
C LYS A 43 -10.87 -0.84 2.27
N LYS A 44 -11.12 0.42 2.63
CA LYS A 44 -12.15 1.23 1.94
C LYS A 44 -11.73 1.53 0.51
N LYS A 45 -10.43 1.41 0.24
CA LYS A 45 -9.86 1.64 -1.08
C LYS A 45 -10.02 0.36 -1.94
N GLY A 46 -10.46 -0.73 -1.31
CA GLY A 46 -10.65 -1.98 -2.02
C GLY A 46 -9.61 -3.07 -1.86
N LEU A 47 -8.61 -2.85 -1.01
CA LEU A 47 -7.60 -3.88 -0.79
C LEU A 47 -8.14 -4.89 0.25
N THR A 48 -7.69 -6.14 0.15
CA THR A 48 -8.13 -7.16 1.08
C THR A 48 -7.05 -7.20 2.20
N ASP A 49 -7.35 -7.85 3.31
CA ASP A 49 -6.39 -7.95 4.43
C ASP A 49 -5.10 -8.64 3.95
N GLU A 50 -5.23 -9.61 3.04
CA GLU A 50 -4.09 -10.35 2.49
C GLU A 50 -3.15 -9.36 1.76
N GLU A 51 -3.75 -8.48 0.96
CA GLU A 51 -3.00 -7.46 0.20
C GLU A 51 -2.39 -6.39 1.12
N ILE A 52 -3.14 -6.02 2.17
CA ILE A 52 -2.67 -5.02 3.13
C ILE A 52 -1.47 -5.58 3.90
N ASP A 53 -1.56 -6.86 4.31
CA ASP A 53 -0.48 -7.53 5.04
C ASP A 53 0.79 -7.47 4.17
N MET A 54 0.64 -7.80 2.87
CA MET A 54 1.76 -7.78 1.91
C MET A 54 2.35 -6.35 1.79
N ALA A 55 1.48 -5.33 1.80
CA ALA A 55 1.92 -3.93 1.72
C ALA A 55 2.78 -3.62 2.96
N PHE A 56 2.29 -3.99 4.15
CA PHE A 56 3.04 -3.73 5.39
C PHE A 56 4.38 -4.49 5.33
N GLN A 57 4.34 -5.72 4.84
CA GLN A 57 5.54 -6.54 4.76
C GLN A 57 6.64 -5.89 3.91
N GLN A 58 6.22 -5.24 2.82
CA GLN A 58 7.17 -4.58 1.92
C GLN A 58 7.47 -3.12 2.20
N SER A 59 6.81 -2.56 3.22
CA SER A 59 6.97 -1.16 3.61
C SER A 59 8.26 -0.79 4.29
N GLY A 60 8.97 -1.80 4.74
CA GLY A 60 10.27 -1.64 5.33
C GLY A 60 11.16 -2.80 4.98
N THR A 61 12.20 -3.04 5.77
CA THR A 61 13.11 -4.12 5.51
C THR A 61 12.64 -5.42 6.19
N ALA A 62 11.85 -6.20 5.47
CA ALA A 62 11.42 -7.50 5.97
C ALA A 62 12.49 -8.55 5.66
N ALA A 63 13.23 -8.28 4.61
CA ALA A 63 14.35 -9.12 4.21
C ALA A 63 15.31 -8.31 3.36
N ASP A 64 14.85 -7.93 2.17
CA ASP A 64 15.64 -7.16 1.21
C ASP A 64 16.99 -7.82 0.96
N GLU A 65 16.96 -8.87 0.19
CA GLU A 65 18.17 -9.62 -0.12
C GLU A 65 18.84 -9.06 -1.37
N PRO A 66 20.15 -8.81 -1.31
CA PRO A 66 20.92 -8.31 -2.44
C PRO A 66 20.78 -9.20 -3.67
N SER A 67 19.99 -8.74 -4.64
CA SER A 67 19.74 -9.51 -5.84
C SER A 67 20.32 -8.80 -7.06
N SER A 68 20.24 -7.49 -7.07
CA SER A 68 20.73 -6.71 -8.19
C SER A 68 21.73 -5.66 -7.73
N LEU A 69 23.00 -6.04 -7.64
CA LEU A 69 24.05 -5.11 -7.27
C LEU A 69 24.90 -4.78 -8.48
N ALA B 1 -8.50 4.89 -7.47
CA ALA B 1 -8.87 6.28 -7.17
C ALA B 1 -7.62 7.12 -7.00
N SER B 2 -7.78 8.42 -6.82
CA SER B 2 -6.65 9.28 -6.57
C SER B 2 -6.18 9.12 -5.14
N GLU B 3 -4.89 8.88 -4.96
CA GLU B 3 -4.34 8.71 -3.63
C GLU B 3 -4.31 10.02 -2.88
N ASP B 4 -4.23 11.11 -3.62
CA ASP B 4 -4.22 12.45 -3.05
C ASP B 4 -5.45 12.69 -2.18
N GLU B 5 -6.61 12.28 -2.70
CA GLU B 5 -7.87 12.49 -1.99
C GLU B 5 -7.91 11.62 -0.76
N LEU B 6 -7.60 10.35 -0.97
CA LEU B 6 -7.60 9.36 0.10
C LEU B 6 -6.64 9.74 1.21
N VAL B 7 -5.38 9.98 0.84
CA VAL B 7 -4.36 10.30 1.82
C VAL B 7 -4.76 11.55 2.60
N ALA B 8 -5.20 12.58 1.90
CA ALA B 8 -5.54 13.84 2.54
C ALA B 8 -6.74 13.67 3.47
N GLU B 9 -7.77 12.98 3.00
CA GLU B 9 -8.94 12.71 3.81
C GLU B 9 -8.53 11.88 5.03
N PHE B 10 -7.58 10.99 4.81
CA PHE B 10 -7.05 10.11 5.85
C PHE B 10 -6.48 10.90 7.03
N LEU B 11 -5.35 11.58 6.82
CA LEU B 11 -4.70 12.24 7.96
C LEU B 11 -5.43 13.50 8.42
N GLN B 12 -6.25 14.10 7.55
CA GLN B 12 -7.07 15.24 7.98
C GLN B 12 -8.16 14.77 8.93
N ASP B 13 -8.85 13.70 8.57
CA ASP B 13 -9.92 13.17 9.39
C ASP B 13 -9.37 12.58 10.68
N GLN B 14 -8.18 12.00 10.58
CA GLN B 14 -7.53 11.41 11.74
C GLN B 14 -6.50 12.37 12.32
N ASN B 15 -6.68 13.65 12.03
CA ASN B 15 -5.79 14.67 12.56
C ASN B 15 -6.17 14.99 14.01
N GLY A 1 -0.79 -11.99 -23.38
CA GLY A 1 0.32 -12.55 -24.19
C GLY A 1 1.50 -11.62 -24.27
N ALA A 2 2.50 -12.01 -25.05
CA ALA A 2 3.70 -11.20 -25.22
C ALA A 2 3.39 -9.90 -25.97
N MET A 3 3.38 -8.79 -25.25
CA MET A 3 3.12 -7.49 -25.85
C MET A 3 3.92 -6.41 -25.12
N ALA A 4 3.74 -6.33 -23.82
CA ALA A 4 4.48 -5.39 -23.00
C ALA A 4 5.75 -6.06 -22.49
N THR A 5 5.59 -7.28 -22.00
CA THR A 5 6.72 -8.08 -21.54
C THR A 5 6.37 -9.56 -21.65
N PRO A 6 7.11 -10.31 -22.48
CA PRO A 6 6.94 -11.75 -22.63
C PRO A 6 7.35 -12.49 -21.37
N GLY A 7 6.37 -12.89 -20.57
CA GLY A 7 6.64 -13.56 -19.32
C GLY A 7 6.02 -12.81 -18.16
N SER A 8 6.64 -11.70 -17.77
CA SER A 8 6.09 -10.84 -16.74
C SER A 8 4.99 -9.97 -17.33
N GLU A 9 3.75 -10.42 -17.19
CA GLU A 9 2.62 -9.73 -17.79
C GLU A 9 1.68 -9.24 -16.70
N ASN A 10 1.39 -7.96 -16.73
CA ASN A 10 0.54 -7.33 -15.74
C ASN A 10 -0.87 -7.12 -16.30
N VAL A 11 -1.75 -8.05 -16.01
CA VAL A 11 -3.12 -7.98 -16.48
C VAL A 11 -4.01 -7.45 -15.37
N LEU A 12 -3.83 -8.02 -14.18
CA LEU A 12 -4.55 -7.57 -13.00
C LEU A 12 -3.55 -6.84 -12.10
N PRO A 13 -3.74 -5.52 -11.93
CA PRO A 13 -2.81 -4.67 -11.20
C PRO A 13 -2.86 -4.87 -9.68
N ARG A 14 -2.66 -6.09 -9.23
CA ARG A 14 -2.61 -6.39 -7.80
C ARG A 14 -1.31 -5.86 -7.22
N GLU A 15 -0.20 -6.25 -7.85
CA GLU A 15 1.14 -5.79 -7.44
C GLU A 15 1.28 -4.27 -7.50
N PRO A 16 0.87 -3.63 -8.63
CA PRO A 16 0.96 -2.16 -8.73
C PRO A 16 0.08 -1.50 -7.63
N LEU A 17 -1.06 -2.11 -7.29
CA LEU A 17 -1.96 -1.59 -6.24
C LEU A 17 -1.23 -1.73 -4.87
N ILE A 18 -0.66 -2.91 -4.62
CA ILE A 18 0.08 -3.17 -3.38
C ILE A 18 1.23 -2.13 -3.33
N ALA A 19 1.92 -1.93 -4.46
CA ALA A 19 3.03 -0.96 -4.53
C ALA A 19 2.52 0.44 -4.13
N THR A 20 1.31 0.80 -4.60
CA THR A 20 0.71 2.10 -4.28
C THR A 20 0.43 2.16 -2.76
N ALA A 21 -0.08 1.05 -2.20
CA ALA A 21 -0.37 0.95 -0.77
C ALA A 21 0.92 1.09 0.05
N VAL A 22 2.04 0.58 -0.48
CA VAL A 22 3.32 0.68 0.21
C VAL A 22 3.71 2.19 0.32
N LYS A 23 3.52 2.94 -0.78
CA LYS A 23 3.84 4.39 -0.83
C LYS A 23 2.97 5.12 0.18
N PHE A 24 1.70 4.73 0.24
CA PHE A 24 0.73 5.30 1.16
C PHE A 24 1.24 5.07 2.60
N LEU A 25 1.58 3.82 2.94
CA LEU A 25 2.06 3.45 4.28
C LEU A 25 3.39 4.09 4.67
N GLN A 26 4.18 4.49 3.67
CA GLN A 26 5.47 5.11 3.93
C GLN A 26 5.35 6.64 4.08
N ASN A 27 4.18 7.19 3.75
CA ASN A 27 3.93 8.64 3.84
C ASN A 27 3.98 9.13 5.27
N SER A 28 4.69 10.24 5.48
CA SER A 28 4.85 10.83 6.82
C SER A 28 3.57 11.13 7.58
N ARG A 29 2.61 11.75 6.89
CA ARG A 29 1.32 12.08 7.50
C ARG A 29 0.55 10.80 7.82
N VAL A 30 0.58 9.85 6.90
CA VAL A 30 -0.12 8.59 7.07
C VAL A 30 0.39 7.81 8.28
N ARG A 31 1.71 7.78 8.46
CA ARG A 31 2.33 7.07 9.58
C ARG A 31 1.95 7.62 10.94
N GLN A 32 1.39 8.83 10.96
CA GLN A 32 0.97 9.46 12.21
C GLN A 32 -0.36 8.92 12.71
N SER A 33 -1.13 8.31 11.81
CA SER A 33 -2.43 7.77 12.16
C SER A 33 -2.32 6.40 12.82
N PRO A 34 -3.30 6.04 13.68
CA PRO A 34 -3.27 4.73 14.32
C PRO A 34 -3.25 3.61 13.27
N LEU A 35 -2.60 2.50 13.61
CA LEU A 35 -2.50 1.36 12.72
C LEU A 35 -3.87 0.95 12.15
N ALA A 36 -4.87 0.76 13.02
CA ALA A 36 -6.21 0.36 12.58
C ALA A 36 -6.79 1.28 11.52
N THR A 37 -6.47 2.58 11.66
CA THR A 37 -6.92 3.63 10.74
C THR A 37 -6.28 3.44 9.36
N ARG A 38 -4.99 3.13 9.34
CA ARG A 38 -4.25 2.90 8.09
C ARG A 38 -4.80 1.64 7.38
N ARG A 39 -5.02 0.56 8.13
CA ARG A 39 -5.56 -0.67 7.55
C ARG A 39 -6.97 -0.43 6.99
N ALA A 40 -7.82 0.22 7.80
CA ALA A 40 -9.20 0.52 7.39
C ALA A 40 -9.24 1.41 6.16
N PHE A 41 -8.31 2.38 6.08
CA PHE A 41 -8.28 3.27 4.93
C PHE A 41 -8.03 2.43 3.67
N LEU A 42 -7.05 1.52 3.74
CA LEU A 42 -6.71 0.64 2.62
C LEU A 42 -7.90 -0.28 2.26
N LYS A 43 -8.64 -0.75 3.28
CA LYS A 43 -9.79 -1.62 3.04
C LYS A 43 -10.87 -0.84 2.27
N LYS A 44 -11.12 0.42 2.63
CA LYS A 44 -12.15 1.23 1.94
C LYS A 44 -11.73 1.53 0.51
N LYS A 45 -10.43 1.41 0.24
CA LYS A 45 -9.86 1.64 -1.08
C LYS A 45 -10.02 0.35 -1.94
N GLY A 46 -10.46 -0.73 -1.32
CA GLY A 46 -10.65 -1.98 -2.02
C GLY A 46 -9.61 -3.07 -1.86
N LEU A 47 -8.61 -2.85 -1.00
CA LEU A 47 -7.60 -3.88 -0.79
C LEU A 47 -8.14 -4.89 0.25
N THR A 48 -7.69 -6.14 0.15
CA THR A 48 -8.13 -7.16 1.08
C THR A 48 -7.05 -7.20 2.20
N ASP A 49 -7.35 -7.85 3.31
CA ASP A 49 -6.39 -7.95 4.43
C ASP A 49 -5.10 -8.64 3.95
N GLU A 50 -5.23 -9.61 3.04
CA GLU A 50 -4.09 -10.34 2.48
C GLU A 50 -3.16 -9.36 1.76
N GLU A 51 -3.75 -8.48 0.96
CA GLU A 51 -3.00 -7.46 0.20
C GLU A 51 -2.39 -6.39 1.12
N ILE A 52 -3.14 -6.02 2.17
CA ILE A 52 -2.67 -5.02 3.13
C ILE A 52 -1.47 -5.58 3.90
N ASP A 53 -1.56 -6.86 4.31
CA ASP A 53 -0.48 -7.53 5.04
C ASP A 53 0.79 -7.47 4.17
N MET A 54 0.64 -7.80 2.87
CA MET A 54 1.76 -7.78 1.91
C MET A 54 2.34 -6.35 1.79
N ALA A 55 1.48 -5.33 1.80
CA ALA A 55 1.92 -3.93 1.72
C ALA A 55 2.78 -3.62 2.96
N PHE A 56 2.29 -3.99 4.15
CA PHE A 56 3.03 -3.73 5.39
C PHE A 56 4.38 -4.49 5.33
N GLN A 57 4.34 -5.72 4.84
CA GLN A 57 5.54 -6.54 4.76
C GLN A 57 6.64 -5.88 3.91
N GLN A 58 6.22 -5.24 2.82
CA GLN A 58 7.17 -4.58 1.92
C GLN A 58 7.47 -3.12 2.20
N SER A 59 6.81 -2.56 3.22
CA SER A 59 6.97 -1.16 3.61
C SER A 59 8.26 -0.79 4.29
N GLY A 60 9.02 -1.80 4.69
CA GLY A 60 10.27 -1.58 5.37
C GLY A 60 10.71 -2.80 6.15
N THR A 61 9.76 -3.68 6.43
CA THR A 61 10.04 -4.91 7.14
C THR A 61 10.90 -5.85 6.30
N ALA A 62 10.42 -6.17 5.11
CA ALA A 62 11.15 -7.04 4.19
C ALA A 62 11.73 -6.24 3.02
N ALA A 63 13.03 -6.03 3.04
CA ALA A 63 13.69 -5.27 2.00
C ALA A 63 15.10 -5.80 1.75
N ASP A 64 15.26 -6.52 0.65
CA ASP A 64 16.55 -7.09 0.28
C ASP A 64 17.57 -5.99 0.02
N GLU A 65 17.21 -5.09 -0.87
CA GLU A 65 18.04 -3.96 -1.22
C GLU A 65 17.19 -2.70 -1.23
N PRO A 66 17.25 -1.91 -0.16
CA PRO A 66 16.44 -0.69 0.00
C PRO A 66 16.46 0.19 -1.23
N SER A 67 15.29 0.35 -1.85
CA SER A 67 15.17 1.16 -3.04
C SER A 67 14.61 2.53 -2.68
N SER A 68 15.50 3.46 -2.35
CA SER A 68 15.09 4.77 -1.92
C SER A 68 15.15 5.76 -3.08
N LEU A 69 13.98 6.27 -3.44
CA LEU A 69 13.87 7.28 -4.48
C LEU A 69 13.72 8.65 -3.84
N ALA B 1 -5.46 8.24 -9.53
CA ALA B 1 -5.36 7.36 -8.38
C ALA B 1 -3.98 7.47 -7.75
N SER B 2 -3.80 8.53 -6.98
CA SER B 2 -2.57 8.76 -6.26
C SER B 2 -2.78 8.53 -4.77
N GLU B 3 -1.70 8.48 -4.01
CA GLU B 3 -1.77 8.34 -2.57
C GLU B 3 -2.23 9.64 -1.95
N ASP B 4 -2.06 10.73 -2.69
CA ASP B 4 -2.40 12.07 -2.21
C ASP B 4 -3.88 12.19 -1.88
N GLU B 5 -4.73 11.67 -2.76
CA GLU B 5 -6.17 11.75 -2.59
C GLU B 5 -6.57 10.94 -1.36
N LEU B 6 -6.01 9.73 -1.29
CA LEU B 6 -6.21 8.86 -0.15
C LEU B 6 -5.76 9.56 1.11
N VAL B 7 -4.53 10.04 1.06
CA VAL B 7 -3.88 10.68 2.17
C VAL B 7 -4.75 11.79 2.74
N ALA B 8 -5.23 12.65 1.86
CA ALA B 8 -5.99 13.81 2.26
C ALA B 8 -7.28 13.37 2.94
N GLU B 9 -8.05 12.51 2.29
CA GLU B 9 -9.28 11.98 2.89
C GLU B 9 -8.96 11.29 4.21
N PHE B 10 -7.83 10.62 4.23
CA PHE B 10 -7.36 9.85 5.37
C PHE B 10 -7.22 10.70 6.63
N LEU B 11 -6.21 11.55 6.69
CA LEU B 11 -5.98 12.32 7.92
C LEU B 11 -6.98 13.46 8.10
N GLN B 12 -7.60 13.94 7.03
CA GLN B 12 -8.60 15.00 7.17
C GLN B 12 -9.86 14.47 7.82
N ASP B 13 -10.33 13.30 7.38
CA ASP B 13 -11.56 12.74 7.93
C ASP B 13 -11.31 12.14 9.30
N GLN B 14 -10.13 11.57 9.49
CA GLN B 14 -9.77 10.98 10.78
C GLN B 14 -9.39 12.06 11.79
N ASN B 15 -9.39 13.32 11.34
CA ASN B 15 -9.09 14.45 12.21
C ASN B 15 -10.33 14.81 13.04
N GLY A 1 6.65 0.51 -12.45
CA GLY A 1 7.11 -0.39 -13.54
C GLY A 1 6.82 0.18 -14.91
N ALA A 2 6.83 -0.68 -15.93
CA ALA A 2 6.55 -0.26 -17.28
C ALA A 2 5.06 -0.36 -17.58
N MET A 3 4.55 0.62 -18.33
CA MET A 3 3.15 0.63 -18.70
C MET A 3 2.85 -0.45 -19.73
N ALA A 4 3.46 -0.33 -20.90
CA ALA A 4 3.26 -1.29 -21.98
C ALA A 4 3.80 -2.65 -21.60
N THR A 5 2.92 -3.62 -21.49
CA THR A 5 3.31 -4.97 -21.14
C THR A 5 3.01 -5.92 -22.29
N PRO A 6 4.01 -6.22 -23.12
CA PRO A 6 3.85 -7.16 -24.24
C PRO A 6 3.66 -8.59 -23.73
N GLY A 7 2.47 -9.12 -23.96
CA GLY A 7 2.17 -10.46 -23.50
C GLY A 7 0.78 -10.57 -22.93
N SER A 8 0.69 -10.64 -21.62
CA SER A 8 -0.59 -10.81 -20.95
C SER A 8 -0.69 -9.92 -19.72
N GLU A 9 -1.77 -9.15 -19.63
CA GLU A 9 -2.02 -8.31 -18.48
C GLU A 9 -3.26 -8.77 -17.72
N ASN A 10 -3.08 -9.06 -16.44
CA ASN A 10 -4.18 -9.47 -15.59
C ASN A 10 -5.13 -8.29 -15.39
N VAL A 11 -6.43 -8.54 -15.52
CA VAL A 11 -7.45 -7.51 -15.36
C VAL A 11 -7.52 -7.03 -13.92
N LEU A 12 -7.00 -7.85 -13.01
CA LEU A 12 -6.93 -7.48 -11.61
C LEU A 12 -5.50 -7.08 -11.25
N PRO A 13 -5.23 -5.78 -11.20
CA PRO A 13 -3.91 -5.26 -10.88
C PRO A 13 -3.64 -5.32 -9.38
N ARG A 14 -2.90 -6.34 -8.97
CA ARG A 14 -2.60 -6.53 -7.56
C ARG A 14 -1.29 -5.86 -7.19
N GLU A 15 -0.20 -6.25 -7.85
CA GLU A 15 1.15 -5.79 -7.43
C GLU A 15 1.28 -4.27 -7.50
N PRO A 16 0.88 -3.63 -8.63
CA PRO A 16 0.96 -2.16 -8.73
C PRO A 16 0.08 -1.50 -7.63
N LEU A 17 -1.06 -2.11 -7.29
CA LEU A 17 -1.96 -1.59 -6.24
C LEU A 17 -1.23 -1.73 -4.87
N ILE A 18 -0.66 -2.90 -4.63
CA ILE A 18 0.08 -3.18 -3.40
C ILE A 18 1.24 -2.13 -3.32
N ALA A 19 1.92 -1.93 -4.46
CA ALA A 19 3.03 -0.96 -4.54
C ALA A 19 2.52 0.44 -4.13
N THR A 20 1.31 0.80 -4.60
CA THR A 20 0.70 2.10 -4.28
C THR A 20 0.43 2.16 -2.76
N ALA A 21 -0.08 1.05 -2.20
CA ALA A 21 -0.37 0.95 -0.77
C ALA A 21 0.92 1.09 0.05
N VAL A 22 2.04 0.58 -0.48
CA VAL A 22 3.32 0.68 0.21
C VAL A 22 3.71 2.19 0.32
N LYS A 23 3.52 2.94 -0.78
CA LYS A 23 3.84 4.39 -0.83
C LYS A 23 2.97 5.12 0.18
N PHE A 24 1.70 4.73 0.24
CA PHE A 24 0.73 5.30 1.16
C PHE A 24 1.24 5.07 2.60
N LEU A 25 1.58 3.82 2.94
CA LEU A 25 2.06 3.45 4.28
C LEU A 25 3.39 4.09 4.67
N GLN A 26 4.18 4.49 3.67
CA GLN A 26 5.47 5.11 3.93
C GLN A 26 5.35 6.64 4.08
N ASN A 27 4.18 7.19 3.75
CA ASN A 27 3.93 8.64 3.84
C ASN A 27 3.98 9.13 5.27
N SER A 28 4.69 10.24 5.48
CA SER A 28 4.85 10.83 6.82
C SER A 28 3.57 11.13 7.58
N ARG A 29 2.61 11.75 6.89
CA ARG A 29 1.32 12.08 7.50
C ARG A 29 0.55 10.80 7.82
N VAL A 30 0.58 9.85 6.90
CA VAL A 30 -0.12 8.59 7.07
C VAL A 30 0.39 7.81 8.28
N ARG A 31 1.71 7.78 8.46
CA ARG A 31 2.33 7.07 9.58
C ARG A 31 1.95 7.62 10.94
N GLN A 32 1.39 8.83 10.96
CA GLN A 32 0.97 9.46 12.21
C GLN A 32 -0.36 8.92 12.71
N SER A 33 -1.13 8.31 11.81
CA SER A 33 -2.43 7.77 12.16
C SER A 33 -2.32 6.40 12.82
N PRO A 34 -3.30 6.04 13.68
CA PRO A 34 -3.27 4.73 14.32
C PRO A 34 -3.25 3.61 13.27
N LEU A 35 -2.60 2.50 13.61
CA LEU A 35 -2.50 1.36 12.73
C LEU A 35 -3.88 0.95 12.14
N ALA A 36 -4.87 0.76 13.02
CA ALA A 36 -6.21 0.37 12.60
C ALA A 36 -6.80 1.29 11.53
N THR A 37 -6.47 2.57 11.66
CA THR A 37 -6.92 3.63 10.74
C THR A 37 -6.28 3.44 9.36
N ARG A 38 -4.98 3.13 9.34
CA ARG A 38 -4.25 2.90 8.09
C ARG A 38 -4.80 1.64 7.38
N ARG A 39 -5.02 0.56 8.13
CA ARG A 39 -5.56 -0.67 7.55
C ARG A 39 -6.97 -0.43 6.99
N ALA A 40 -7.82 0.22 7.80
CA ALA A 40 -9.20 0.52 7.39
C ALA A 40 -9.24 1.41 6.16
N PHE A 41 -8.32 2.37 6.08
CA PHE A 41 -8.28 3.27 4.93
C PHE A 41 -8.03 2.43 3.67
N LEU A 42 -7.04 1.52 3.74
CA LEU A 42 -6.71 0.64 2.62
C LEU A 42 -7.90 -0.28 2.26
N LYS A 43 -8.64 -0.75 3.28
CA LYS A 43 -9.79 -1.62 3.04
C LYS A 43 -10.87 -0.84 2.27
N LYS A 44 -11.12 0.42 2.63
CA LYS A 44 -12.15 1.23 1.94
C LYS A 44 -11.73 1.53 0.51
N LYS A 45 -10.43 1.41 0.24
CA LYS A 45 -9.86 1.64 -1.08
C LYS A 45 -10.02 0.36 -1.94
N GLY A 46 -10.46 -0.73 -1.32
CA GLY A 46 -10.65 -1.98 -2.02
C GLY A 46 -9.61 -3.07 -1.86
N LEU A 47 -8.61 -2.85 -1.00
CA LEU A 47 -7.60 -3.88 -0.79
C LEU A 47 -8.14 -4.89 0.25
N THR A 48 -7.69 -6.14 0.15
CA THR A 48 -8.13 -7.16 1.08
C THR A 48 -7.05 -7.20 2.20
N ASP A 49 -7.35 -7.85 3.31
CA ASP A 49 -6.39 -7.95 4.43
C ASP A 49 -5.10 -8.64 3.95
N GLU A 50 -5.23 -9.61 3.04
CA GLU A 50 -4.10 -10.35 2.48
C GLU A 50 -3.16 -9.37 1.77
N GLU A 51 -3.75 -8.48 0.96
CA GLU A 51 -3.00 -7.46 0.20
C GLU A 51 -2.39 -6.39 1.12
N ILE A 52 -3.14 -6.02 2.16
CA ILE A 52 -2.67 -5.02 3.13
C ILE A 52 -1.47 -5.58 3.90
N ASP A 53 -1.56 -6.86 4.31
CA ASP A 53 -0.48 -7.53 5.04
C ASP A 53 0.79 -7.47 4.16
N MET A 54 0.64 -7.80 2.87
CA MET A 54 1.76 -7.78 1.91
C MET A 54 2.35 -6.35 1.79
N ALA A 55 1.48 -5.33 1.80
CA ALA A 55 1.92 -3.93 1.72
C ALA A 55 2.78 -3.62 2.96
N PHE A 56 2.29 -3.99 4.15
CA PHE A 56 3.04 -3.73 5.39
C PHE A 56 4.38 -4.49 5.33
N GLN A 57 4.34 -5.72 4.84
CA GLN A 57 5.54 -6.54 4.76
C GLN A 57 6.64 -5.88 3.91
N GLN A 58 6.22 -5.24 2.82
CA GLN A 58 7.17 -4.58 1.92
C GLN A 58 7.47 -3.12 2.20
N SER A 59 6.81 -2.57 3.22
CA SER A 59 6.98 -1.16 3.60
C SER A 59 8.26 -0.79 4.29
N GLY A 60 8.99 -1.80 4.75
CA GLY A 60 10.28 -1.56 5.37
C GLY A 60 11.37 -2.41 4.74
N THR A 61 11.27 -2.61 3.44
CA THR A 61 12.23 -3.46 2.73
C THR A 61 13.47 -2.67 2.33
N ALA A 62 13.25 -1.49 1.77
CA ALA A 62 14.36 -0.65 1.31
C ALA A 62 14.12 0.80 1.71
N ALA A 63 15.18 1.47 2.12
CA ALA A 63 15.10 2.86 2.55
C ALA A 63 16.46 3.54 2.40
N ASP A 64 17.43 3.05 3.15
CA ASP A 64 18.78 3.59 3.12
C ASP A 64 19.77 2.58 3.68
N GLU A 65 20.80 2.28 2.91
CA GLU A 65 21.77 1.27 3.30
C GLU A 65 22.92 1.92 4.08
N PRO A 66 23.28 1.34 5.24
CA PRO A 66 24.31 1.88 6.14
C PRO A 66 25.57 2.38 5.42
N SER A 67 26.15 1.53 4.61
CA SER A 67 27.36 1.90 3.87
C SER A 67 27.02 2.26 2.42
N SER A 68 26.83 3.55 2.17
CA SER A 68 26.53 4.02 0.82
C SER A 68 27.76 4.66 0.18
N LEU A 69 27.98 4.35 -1.10
CA LEU A 69 29.15 4.79 -1.84
C LEU A 69 30.44 4.17 -1.28
N ALA B 1 -7.61 8.15 -9.62
CA ALA B 1 -6.16 8.12 -9.75
C ALA B 1 -5.56 7.10 -8.80
N SER B 2 -4.25 7.15 -8.64
CA SER B 2 -3.54 6.31 -7.69
C SER B 2 -3.93 6.66 -6.25
N GLU B 3 -3.16 6.14 -5.28
CA GLU B 3 -3.47 6.30 -3.86
C GLU B 3 -3.42 7.77 -3.43
N ASP B 4 -2.91 8.63 -4.32
CA ASP B 4 -2.80 10.06 -4.06
C ASP B 4 -4.10 10.65 -3.53
N GLU B 5 -5.20 10.27 -4.17
CA GLU B 5 -6.52 10.77 -3.77
C GLU B 5 -6.83 10.43 -2.33
N LEU B 6 -6.65 9.16 -1.98
CA LEU B 6 -7.02 8.69 -0.65
C LEU B 6 -6.03 9.10 0.41
N VAL B 7 -4.74 9.16 0.09
CA VAL B 7 -3.77 9.61 1.08
C VAL B 7 -4.05 11.05 1.45
N ALA B 8 -4.28 11.87 0.44
CA ALA B 8 -4.55 13.28 0.67
C ALA B 8 -5.83 13.45 1.47
N GLU B 9 -6.88 12.75 1.07
CA GLU B 9 -8.13 12.77 1.80
C GLU B 9 -7.93 12.20 3.20
N PHE B 10 -7.00 11.26 3.32
CA PHE B 10 -6.67 10.62 4.58
C PHE B 10 -6.21 11.64 5.62
N LEU B 11 -5.07 12.28 5.39
CA LEU B 11 -4.55 13.20 6.41
C LEU B 11 -5.37 14.49 6.46
N GLN B 12 -6.07 14.82 5.37
CA GLN B 12 -7.02 15.93 5.42
C GLN B 12 -8.14 15.60 6.41
N ASP B 13 -8.58 14.35 6.41
CA ASP B 13 -9.60 13.88 7.34
C ASP B 13 -9.03 13.78 8.75
N GLN B 14 -7.81 13.29 8.86
CA GLN B 14 -7.16 13.12 10.16
C GLN B 14 -6.90 14.46 10.82
N ASN B 15 -6.63 15.49 10.01
CA ASN B 15 -6.42 16.83 10.54
C ASN B 15 -7.75 17.52 10.76
N GLY A 1 -2.64 -20.51 1.66
CA GLY A 1 -3.20 -20.68 0.30
C GLY A 1 -2.60 -19.69 -0.68
N ALA A 2 -3.44 -18.80 -1.19
CA ALA A 2 -3.03 -17.77 -2.15
C ALA A 2 -2.49 -18.38 -3.44
N MET A 3 -3.38 -18.59 -4.40
CA MET A 3 -2.99 -19.10 -5.70
C MET A 3 -2.32 -17.99 -6.52
N ALA A 4 -1.04 -17.80 -6.30
CA ALA A 4 -0.30 -16.76 -6.97
C ALA A 4 0.26 -17.26 -8.30
N THR A 5 -0.54 -17.12 -9.34
CA THR A 5 -0.12 -17.51 -10.68
C THR A 5 0.07 -16.27 -11.55
N PRO A 6 1.32 -15.99 -11.96
CA PRO A 6 1.61 -14.85 -12.82
C PRO A 6 0.91 -14.97 -14.17
N GLY A 7 0.04 -14.02 -14.46
CA GLY A 7 -0.71 -14.05 -15.69
C GLY A 7 -0.91 -12.68 -16.26
N SER A 8 -2.17 -12.27 -16.38
CA SER A 8 -2.49 -10.96 -16.92
C SER A 8 -2.69 -9.96 -15.79
N GLU A 9 -3.89 -10.00 -15.19
CA GLU A 9 -4.24 -9.11 -14.09
C GLU A 9 -3.86 -7.66 -14.40
N ASN A 10 -4.48 -7.12 -15.44
CA ASN A 10 -4.20 -5.76 -15.86
C ASN A 10 -5.38 -4.86 -15.49
N VAL A 11 -6.59 -5.39 -15.66
CA VAL A 11 -7.78 -4.67 -15.25
C VAL A 11 -7.94 -4.76 -13.74
N LEU A 12 -7.41 -5.83 -13.17
CA LEU A 12 -7.30 -5.98 -11.73
C LEU A 12 -5.85 -6.26 -11.35
N PRO A 13 -5.01 -5.21 -11.30
CA PRO A 13 -3.60 -5.34 -11.03
C PRO A 13 -3.28 -5.29 -9.54
N ARG A 14 -2.89 -6.44 -8.99
CA ARG A 14 -2.60 -6.55 -7.57
C ARG A 14 -1.29 -5.85 -7.20
N GLU A 15 -0.20 -6.25 -7.85
CA GLU A 15 1.15 -5.79 -7.43
C GLU A 15 1.28 -4.27 -7.50
N PRO A 16 0.88 -3.63 -8.63
CA PRO A 16 0.96 -2.16 -8.73
C PRO A 16 0.08 -1.50 -7.63
N LEU A 17 -1.06 -2.11 -7.29
CA LEU A 17 -1.96 -1.59 -6.24
C LEU A 17 -1.23 -1.73 -4.87
N ILE A 18 -0.66 -2.90 -4.63
CA ILE A 18 0.08 -3.18 -3.40
C ILE A 18 1.24 -2.13 -3.32
N ALA A 19 1.92 -1.93 -4.46
CA ALA A 19 3.03 -0.96 -4.53
C ALA A 19 2.52 0.44 -4.13
N THR A 20 1.31 0.80 -4.60
CA THR A 20 0.70 2.10 -4.28
C THR A 20 0.43 2.16 -2.76
N ALA A 21 -0.08 1.05 -2.20
CA ALA A 21 -0.37 0.95 -0.77
C ALA A 21 0.92 1.09 0.05
N VAL A 22 2.04 0.58 -0.48
CA VAL A 22 3.32 0.68 0.21
C VAL A 22 3.71 2.19 0.32
N LYS A 23 3.52 2.94 -0.78
CA LYS A 23 3.84 4.39 -0.82
C LYS A 23 2.97 5.12 0.18
N PHE A 24 1.70 4.73 0.24
CA PHE A 24 0.73 5.30 1.16
C PHE A 24 1.24 5.07 2.60
N LEU A 25 1.58 3.82 2.94
CA LEU A 25 2.06 3.45 4.28
C LEU A 25 3.39 4.09 4.67
N GLN A 26 4.18 4.49 3.67
CA GLN A 26 5.47 5.11 3.93
C GLN A 26 5.35 6.64 4.08
N ASN A 27 4.18 7.19 3.75
CA ASN A 27 3.93 8.64 3.84
C ASN A 27 3.98 9.13 5.27
N SER A 28 4.69 10.24 5.48
CA SER A 28 4.86 10.83 6.82
C SER A 28 3.56 11.13 7.57
N ARG A 29 2.61 11.75 6.89
CA ARG A 29 1.32 12.08 7.50
C ARG A 29 0.55 10.80 7.82
N VAL A 30 0.58 9.85 6.90
CA VAL A 30 -0.12 8.59 7.07
C VAL A 30 0.39 7.81 8.28
N ARG A 31 1.71 7.78 8.46
CA ARG A 31 2.33 7.07 9.58
C ARG A 31 1.95 7.62 10.94
N GLN A 32 1.39 8.83 10.96
CA GLN A 32 0.97 9.46 12.21
C GLN A 32 -0.36 8.92 12.71
N SER A 33 -1.13 8.31 11.81
CA SER A 33 -2.43 7.77 12.16
C SER A 33 -2.32 6.40 12.82
N PRO A 34 -3.30 6.04 13.68
CA PRO A 34 -3.27 4.73 14.32
C PRO A 34 -3.25 3.61 13.27
N LEU A 35 -2.60 2.50 13.61
CA LEU A 35 -2.50 1.36 12.73
C LEU A 35 -3.87 0.95 12.15
N ALA A 36 -4.87 0.76 13.02
CA ALA A 36 -6.21 0.36 12.58
C ALA A 36 -6.79 1.29 11.53
N THR A 37 -6.47 2.57 11.66
CA THR A 37 -6.92 3.63 10.74
C THR A 37 -6.28 3.44 9.36
N ARG A 38 -4.99 3.13 9.34
CA ARG A 38 -4.25 2.90 8.10
C ARG A 38 -4.80 1.64 7.38
N ARG A 39 -5.02 0.56 8.13
CA ARG A 39 -5.56 -0.67 7.56
C ARG A 39 -6.97 -0.43 6.99
N ALA A 40 -7.82 0.22 7.80
CA ALA A 40 -9.20 0.52 7.39
C ALA A 40 -9.24 1.41 6.16
N PHE A 41 -8.32 2.37 6.08
CA PHE A 41 -8.28 3.27 4.93
C PHE A 41 -8.03 2.43 3.67
N LEU A 42 -7.04 1.52 3.74
CA LEU A 42 -6.71 0.64 2.62
C LEU A 42 -7.90 -0.28 2.26
N LYS A 43 -8.64 -0.75 3.28
CA LYS A 43 -9.79 -1.62 3.04
C LYS A 43 -10.87 -0.84 2.27
N LYS A 44 -11.12 0.42 2.63
CA LYS A 44 -12.15 1.23 1.94
C LYS A 44 -11.73 1.53 0.51
N LYS A 45 -10.43 1.41 0.24
CA LYS A 45 -9.87 1.64 -1.08
C LYS A 45 -10.02 0.35 -1.94
N GLY A 46 -10.46 -0.73 -1.31
CA GLY A 46 -10.65 -1.98 -2.02
C GLY A 46 -9.61 -3.07 -1.86
N LEU A 47 -8.61 -2.85 -1.00
CA LEU A 47 -7.60 -3.88 -0.79
C LEU A 47 -8.14 -4.89 0.25
N THR A 48 -7.69 -6.14 0.15
CA THR A 48 -8.13 -7.16 1.08
C THR A 48 -7.05 -7.20 2.20
N ASP A 49 -7.35 -7.85 3.31
CA ASP A 49 -6.39 -7.95 4.42
C ASP A 49 -5.10 -8.64 3.95
N GLU A 50 -5.23 -9.61 3.04
CA GLU A 50 -4.09 -10.35 2.49
C GLU A 50 -3.15 -9.36 1.75
N GLU A 51 -3.75 -8.48 0.96
CA GLU A 51 -3.00 -7.46 0.20
C GLU A 51 -2.39 -6.39 1.12
N ILE A 52 -3.14 -6.02 2.16
CA ILE A 52 -2.68 -5.02 3.13
C ILE A 52 -1.47 -5.58 3.90
N ASP A 53 -1.56 -6.86 4.31
CA ASP A 53 -0.48 -7.53 5.04
C ASP A 53 0.79 -7.47 4.17
N MET A 54 0.64 -7.80 2.87
CA MET A 54 1.76 -7.78 1.91
C MET A 54 2.34 -6.35 1.79
N ALA A 55 1.48 -5.33 1.81
CA ALA A 55 1.92 -3.93 1.72
C ALA A 55 2.78 -3.62 2.96
N PHE A 56 2.29 -3.99 4.15
CA PHE A 56 3.04 -3.73 5.39
C PHE A 56 4.38 -4.49 5.33
N GLN A 57 4.34 -5.72 4.84
CA GLN A 57 5.54 -6.54 4.76
C GLN A 57 6.64 -5.88 3.91
N GLN A 58 6.22 -5.24 2.82
CA GLN A 58 7.17 -4.58 1.92
C GLN A 58 7.47 -3.12 2.20
N SER A 59 6.82 -2.56 3.23
CA SER A 59 6.97 -1.16 3.61
C SER A 59 8.27 -0.79 4.29
N GLY A 60 9.01 -1.80 4.71
CA GLY A 60 10.25 -1.57 5.40
C GLY A 60 10.72 -2.82 6.12
N THR A 61 11.31 -3.73 5.38
CA THR A 61 11.78 -4.99 5.94
C THR A 61 13.11 -4.79 6.65
N ALA A 62 13.08 -4.86 7.97
CA ALA A 62 14.28 -4.70 8.75
C ALA A 62 14.84 -6.06 9.15
N ALA A 63 15.62 -6.65 8.24
CA ALA A 63 16.22 -7.95 8.48
C ALA A 63 17.70 -7.91 8.18
N ASP A 64 18.48 -7.39 9.12
CA ASP A 64 19.92 -7.28 8.93
C ASP A 64 20.63 -8.51 9.46
N GLU A 65 21.05 -9.36 8.55
CA GLU A 65 21.72 -10.59 8.92
C GLU A 65 23.18 -10.54 8.48
N PRO A 66 24.11 -10.43 9.44
CA PRO A 66 25.54 -10.34 9.16
C PRO A 66 26.05 -11.53 8.37
N SER A 67 26.09 -11.37 7.06
CA SER A 67 26.55 -12.40 6.16
C SER A 67 27.81 -11.94 5.44
N SER A 68 27.92 -10.63 5.26
CA SER A 68 29.10 -10.02 4.70
C SER A 68 29.94 -9.39 5.80
N LEU A 69 31.16 -9.89 5.97
CA LEU A 69 32.05 -9.37 6.99
C LEU A 69 32.73 -8.10 6.50
N ALA B 1 -7.76 6.14 -10.42
CA ALA B 1 -7.99 6.59 -9.06
C ALA B 1 -6.69 7.04 -8.41
N SER B 2 -6.66 8.29 -7.96
CA SER B 2 -5.45 8.89 -7.41
C SER B 2 -5.31 8.58 -5.93
N GLU B 3 -4.08 8.35 -5.48
CA GLU B 3 -3.82 8.05 -4.08
C GLU B 3 -3.76 9.34 -3.27
N ASP B 4 -3.60 10.47 -3.97
CA ASP B 4 -3.58 11.76 -3.30
C ASP B 4 -4.92 12.05 -2.63
N GLU B 5 -6.00 11.55 -3.22
CA GLU B 5 -7.32 11.72 -2.65
C GLU B 5 -7.40 10.93 -1.35
N LEU B 6 -6.88 9.72 -1.41
CA LEU B 6 -6.82 8.82 -0.28
C LEU B 6 -6.01 9.44 0.84
N VAL B 7 -4.74 9.71 0.56
CA VAL B 7 -3.83 10.19 1.57
C VAL B 7 -4.36 11.46 2.23
N ALA B 8 -4.76 12.44 1.43
CA ALA B 8 -5.18 13.71 1.95
C ALA B 8 -6.44 13.55 2.80
N GLU B 9 -7.43 12.83 2.28
CA GLU B 9 -8.65 12.57 3.03
C GLU B 9 -8.33 11.84 4.33
N PHE B 10 -7.36 10.93 4.25
CA PHE B 10 -6.92 10.13 5.38
C PHE B 10 -6.45 11.00 6.55
N LEU B 11 -5.30 11.65 6.41
CA LEU B 11 -4.73 12.38 7.54
C LEU B 11 -5.47 13.67 7.83
N GLN B 12 -6.21 14.22 6.87
CA GLN B 12 -7.04 15.39 7.16
C GLN B 12 -8.20 15.00 8.05
N ASP B 13 -8.83 13.86 7.76
CA ASP B 13 -9.92 13.35 8.58
C ASP B 13 -9.41 12.99 9.97
N GLN B 14 -8.23 12.40 10.02
CA GLN B 14 -7.62 12.01 11.29
C GLN B 14 -6.90 13.19 11.95
N ASN B 15 -7.04 14.37 11.38
CA ASN B 15 -6.45 15.57 11.95
C ASN B 15 -7.44 16.23 12.89
N GLY A 1 -1.10 0.99 -23.03
CA GLY A 1 0.24 0.91 -23.65
C GLY A 1 1.28 0.40 -22.68
N ALA A 2 2.28 -0.29 -23.19
CA ALA A 2 3.34 -0.82 -22.34
C ALA A 2 4.62 -1.07 -23.14
N MET A 3 5.75 -0.80 -22.52
CA MET A 3 7.04 -1.02 -23.14
C MET A 3 8.07 -1.43 -22.10
N ALA A 4 7.97 -0.85 -20.92
CA ALA A 4 8.84 -1.21 -19.81
C ALA A 4 8.21 -2.35 -19.02
N THR A 5 6.88 -2.41 -19.04
CA THR A 5 6.16 -3.50 -18.43
C THR A 5 5.62 -4.42 -19.53
N PRO A 6 5.56 -5.74 -19.27
CA PRO A 6 5.04 -6.70 -20.23
C PRO A 6 3.52 -6.70 -20.28
N GLY A 7 2.97 -5.89 -21.17
CA GLY A 7 1.53 -5.76 -21.28
C GLY A 7 0.93 -5.01 -20.11
N SER A 8 -0.36 -5.19 -19.91
CA SER A 8 -1.06 -4.58 -18.78
C SER A 8 -2.20 -5.47 -18.31
N GLU A 9 -2.76 -6.23 -19.26
CA GLU A 9 -3.84 -7.15 -18.94
C GLU A 9 -3.28 -8.46 -18.37
N ASN A 10 -2.11 -8.86 -18.83
CA ASN A 10 -1.46 -10.06 -18.32
C ASN A 10 -1.00 -9.83 -16.88
N VAL A 11 -0.42 -8.68 -16.63
CA VAL A 11 0.04 -8.33 -15.30
C VAL A 11 -1.13 -7.79 -14.47
N LEU A 12 -1.59 -8.59 -13.53
CA LEU A 12 -2.70 -8.19 -12.67
C LEU A 12 -2.36 -6.90 -11.93
N PRO A 13 -3.36 -6.04 -11.71
CA PRO A 13 -3.17 -4.75 -11.05
C PRO A 13 -2.89 -4.88 -9.56
N ARG A 14 -2.87 -6.12 -9.06
CA ARG A 14 -2.63 -6.39 -7.65
C ARG A 14 -1.29 -5.84 -7.20
N GLU A 15 -0.20 -6.25 -7.85
CA GLU A 15 1.15 -5.79 -7.43
C GLU A 15 1.28 -4.27 -7.50
N PRO A 16 0.87 -3.63 -8.63
CA PRO A 16 0.96 -2.16 -8.73
C PRO A 16 0.08 -1.50 -7.63
N LEU A 17 -1.06 -2.11 -7.29
CA LEU A 17 -1.96 -1.59 -6.24
C LEU A 17 -1.23 -1.73 -4.87
N ILE A 18 -0.66 -2.91 -4.62
CA ILE A 18 0.08 -3.17 -3.38
C ILE A 18 1.24 -2.14 -3.33
N ALA A 19 1.92 -1.93 -4.46
CA ALA A 19 3.03 -0.96 -4.53
C ALA A 19 2.52 0.44 -4.13
N THR A 20 1.31 0.80 -4.60
CA THR A 20 0.71 2.10 -4.28
C THR A 20 0.43 2.16 -2.76
N ALA A 21 -0.08 1.05 -2.20
CA ALA A 21 -0.37 0.95 -0.77
C ALA A 21 0.92 1.09 0.05
N VAL A 22 2.04 0.58 -0.48
CA VAL A 22 3.32 0.68 0.21
C VAL A 22 3.71 2.19 0.32
N LYS A 23 3.52 2.94 -0.78
CA LYS A 23 3.84 4.39 -0.83
C LYS A 23 2.97 5.12 0.18
N PHE A 24 1.70 4.73 0.24
CA PHE A 24 0.73 5.30 1.16
C PHE A 24 1.24 5.07 2.60
N LEU A 25 1.58 3.82 2.94
CA LEU A 25 2.06 3.45 4.28
C LEU A 25 3.39 4.09 4.67
N GLN A 26 4.18 4.49 3.67
CA GLN A 26 5.47 5.11 3.93
C GLN A 26 5.35 6.64 4.08
N ASN A 27 4.18 7.19 3.75
CA ASN A 27 3.93 8.64 3.84
C ASN A 27 3.98 9.13 5.27
N SER A 28 4.69 10.24 5.48
CA SER A 28 4.86 10.83 6.82
C SER A 28 3.57 11.13 7.58
N ARG A 29 2.61 11.75 6.89
CA ARG A 29 1.33 12.07 7.51
C ARG A 29 0.55 10.80 7.82
N VAL A 30 0.58 9.85 6.90
CA VAL A 30 -0.12 8.59 7.07
C VAL A 30 0.39 7.81 8.28
N ARG A 31 1.71 7.79 8.46
CA ARG A 31 2.33 7.07 9.58
C ARG A 31 1.95 7.62 10.94
N GLN A 32 1.39 8.83 10.96
CA GLN A 32 0.97 9.46 12.21
C GLN A 32 -0.36 8.92 12.71
N SER A 33 -1.13 8.31 11.81
CA SER A 33 -2.43 7.77 12.16
C SER A 33 -2.32 6.40 12.82
N PRO A 34 -3.30 6.04 13.68
CA PRO A 34 -3.27 4.73 14.32
C PRO A 34 -3.25 3.61 13.27
N LEU A 35 -2.60 2.50 13.61
CA LEU A 35 -2.50 1.36 12.72
C LEU A 35 -3.87 0.95 12.15
N ALA A 36 -4.87 0.76 13.02
CA ALA A 36 -6.21 0.36 12.58
C ALA A 36 -6.79 1.28 11.53
N THR A 37 -6.47 2.57 11.66
CA THR A 37 -6.92 3.63 10.74
C THR A 37 -6.28 3.44 9.36
N ARG A 38 -4.99 3.13 9.34
CA ARG A 38 -4.25 2.90 8.09
C ARG A 38 -4.80 1.64 7.38
N ARG A 39 -5.02 0.56 8.13
CA ARG A 39 -5.56 -0.67 7.55
C ARG A 39 -6.97 -0.43 6.99
N ALA A 40 -7.82 0.22 7.80
CA ALA A 40 -9.20 0.52 7.39
C ALA A 40 -9.25 1.42 6.16
N PHE A 41 -8.32 2.37 6.08
CA PHE A 41 -8.27 3.28 4.92
C PHE A 41 -8.03 2.43 3.67
N LEU A 42 -7.05 1.53 3.74
CA LEU A 42 -6.71 0.64 2.62
C LEU A 42 -7.90 -0.28 2.26
N LYS A 43 -8.64 -0.75 3.28
CA LYS A 43 -9.79 -1.62 3.04
C LYS A 43 -10.87 -0.84 2.27
N LYS A 44 -11.12 0.42 2.63
CA LYS A 44 -12.15 1.23 1.94
C LYS A 44 -11.73 1.53 0.51
N LYS A 45 -10.43 1.41 0.24
CA LYS A 45 -9.86 1.64 -1.08
C LYS A 45 -10.02 0.35 -1.94
N GLY A 46 -10.46 -0.73 -1.31
CA GLY A 46 -10.65 -1.98 -2.02
C GLY A 46 -9.61 -3.07 -1.86
N LEU A 47 -8.61 -2.85 -1.01
CA LEU A 47 -7.60 -3.88 -0.79
C LEU A 47 -8.14 -4.89 0.25
N THR A 48 -7.69 -6.14 0.15
CA THR A 48 -8.13 -7.16 1.08
C THR A 48 -7.05 -7.20 2.20
N ASP A 49 -7.35 -7.85 3.31
CA ASP A 49 -6.39 -7.95 4.43
C ASP A 49 -5.10 -8.64 3.95
N GLU A 50 -5.23 -9.61 3.04
CA GLU A 50 -4.09 -10.34 2.48
C GLU A 50 -3.15 -9.36 1.76
N GLU A 51 -3.75 -8.48 0.96
CA GLU A 51 -3.00 -7.46 0.20
C GLU A 51 -2.39 -6.39 1.12
N ILE A 52 -3.14 -6.02 2.17
CA ILE A 52 -2.68 -5.02 3.13
C ILE A 52 -1.47 -5.58 3.90
N ASP A 53 -1.56 -6.86 4.31
CA ASP A 53 -0.48 -7.53 5.04
C ASP A 53 0.79 -7.47 4.17
N MET A 54 0.64 -7.80 2.87
CA MET A 54 1.75 -7.78 1.90
C MET A 54 2.35 -6.35 1.79
N ALA A 55 1.48 -5.33 1.80
CA ALA A 55 1.92 -3.93 1.72
C ALA A 55 2.78 -3.62 2.96
N PHE A 56 2.29 -3.99 4.15
CA PHE A 56 3.04 -3.73 5.39
C PHE A 56 4.38 -4.49 5.33
N GLN A 57 4.34 -5.72 4.84
CA GLN A 57 5.54 -6.54 4.76
C GLN A 57 6.64 -5.88 3.91
N GLN A 58 6.22 -5.24 2.82
CA GLN A 58 7.17 -4.58 1.92
C GLN A 58 7.47 -3.12 2.20
N SER A 59 6.81 -2.56 3.22
CA SER A 59 6.97 -1.16 3.61
C SER A 59 8.26 -0.79 4.29
N GLY A 60 8.96 -1.78 4.82
CA GLY A 60 10.18 -1.50 5.55
C GLY A 60 11.20 -2.62 5.44
N THR A 61 11.12 -3.36 4.35
CA THR A 61 12.06 -4.43 4.09
C THR A 61 12.96 -4.11 2.91
N ALA A 62 12.40 -3.44 1.92
CA ALA A 62 13.15 -3.03 0.74
C ALA A 62 12.73 -1.62 0.31
N ALA A 63 12.34 -0.81 1.28
CA ALA A 63 11.84 0.52 1.00
C ALA A 63 12.67 1.56 1.76
N ASP A 64 13.87 1.18 2.15
CA ASP A 64 14.74 2.07 2.90
C ASP A 64 15.40 3.08 1.97
N GLU A 65 15.57 2.66 0.72
CA GLU A 65 16.17 3.50 -0.30
C GLU A 65 15.32 4.75 -0.53
N PRO A 66 15.86 5.93 -0.18
CA PRO A 66 15.14 7.20 -0.30
C PRO A 66 14.92 7.59 -1.76
N SER A 67 13.72 7.39 -2.25
CA SER A 67 13.39 7.75 -3.61
C SER A 67 12.84 9.16 -3.66
N SER A 68 13.68 10.11 -4.03
CA SER A 68 13.30 11.50 -4.04
C SER A 68 13.42 12.07 -5.45
N LEU A 69 12.28 12.32 -6.07
CA LEU A 69 12.26 12.91 -7.40
C LEU A 69 12.14 14.42 -7.29
N ALA B 1 -7.04 8.62 -11.05
CA ALA B 1 -7.38 8.00 -9.78
C ALA B 1 -6.17 7.34 -9.14
N SER B 2 -5.40 8.12 -8.41
CA SER B 2 -4.22 7.63 -7.75
C SER B 2 -4.46 7.48 -6.25
N GLU B 3 -3.48 6.93 -5.54
CA GLU B 3 -3.54 6.81 -4.09
C GLU B 3 -3.51 8.20 -3.45
N ASP B 4 -2.98 9.16 -4.21
CA ASP B 4 -2.91 10.55 -3.79
C ASP B 4 -4.26 11.07 -3.30
N GLU B 5 -5.34 10.68 -3.99
CA GLU B 5 -6.67 11.12 -3.60
C GLU B 5 -7.01 10.66 -2.20
N LEU B 6 -6.72 9.41 -1.90
CA LEU B 6 -7.06 8.84 -0.61
C LEU B 6 -6.10 9.29 0.48
N VAL B 7 -4.82 9.37 0.18
CA VAL B 7 -3.86 9.83 1.17
C VAL B 7 -4.20 11.26 1.59
N ALA B 8 -4.47 12.10 0.61
CA ALA B 8 -4.80 13.48 0.87
C ALA B 8 -6.09 13.60 1.68
N GLU B 9 -7.12 12.86 1.24
CA GLU B 9 -8.36 12.77 1.98
C GLU B 9 -8.10 12.29 3.41
N PHE B 10 -7.20 11.32 3.52
CA PHE B 10 -6.82 10.69 4.77
C PHE B 10 -6.33 11.72 5.81
N LEU B 11 -5.16 12.31 5.58
CA LEU B 11 -4.59 13.20 6.60
C LEU B 11 -5.32 14.54 6.66
N GLN B 12 -6.01 14.95 5.59
CA GLN B 12 -6.83 16.16 5.67
C GLN B 12 -8.07 15.91 6.53
N ASP B 13 -8.58 14.69 6.51
CA ASP B 13 -9.71 14.33 7.35
C ASP B 13 -9.28 14.24 8.80
N GLN B 14 -8.09 13.70 9.02
CA GLN B 14 -7.55 13.56 10.37
C GLN B 14 -6.71 14.77 10.77
N ASN B 15 -6.79 15.83 9.97
CA ASN B 15 -6.00 17.03 10.22
C ASN B 15 -6.43 17.71 11.51
N GLY A 1 6.75 -9.22 -10.00
CA GLY A 1 6.32 -9.47 -11.40
C GLY A 1 6.43 -8.23 -12.26
N ALA A 2 7.62 -7.96 -12.77
CA ALA A 2 7.85 -6.81 -13.62
C ALA A 2 7.92 -7.23 -15.08
N MET A 3 8.60 -8.33 -15.33
CA MET A 3 8.76 -8.86 -16.68
C MET A 3 8.77 -10.38 -16.65
N ALA A 4 7.99 -10.93 -15.74
CA ALA A 4 7.90 -12.38 -15.57
C ALA A 4 6.78 -12.93 -16.44
N THR A 5 5.69 -12.19 -16.52
CA THR A 5 4.55 -12.59 -17.32
C THR A 5 4.26 -11.51 -18.38
N PRO A 6 4.76 -11.71 -19.61
CA PRO A 6 4.56 -10.78 -20.72
C PRO A 6 3.21 -10.94 -21.39
N GLY A 7 3.01 -10.22 -22.49
CA GLY A 7 1.78 -10.31 -23.24
C GLY A 7 0.76 -9.30 -22.79
N SER A 8 -0.49 -9.53 -23.16
CA SER A 8 -1.57 -8.64 -22.77
C SER A 8 -2.13 -9.07 -21.40
N GLU A 9 -2.94 -8.21 -20.80
CA GLU A 9 -3.48 -8.47 -19.48
C GLU A 9 -4.33 -9.74 -19.44
N ASN A 10 -3.77 -10.78 -18.85
CA ASN A 10 -4.51 -12.01 -18.62
C ASN A 10 -4.74 -12.20 -17.12
N VAL A 11 -3.77 -11.76 -16.34
CA VAL A 11 -3.87 -11.83 -14.90
C VAL A 11 -4.32 -10.48 -14.34
N LEU A 12 -4.66 -10.46 -13.05
CA LEU A 12 -5.10 -9.24 -12.42
C LEU A 12 -3.91 -8.62 -11.67
N PRO A 13 -3.45 -7.45 -12.14
CA PRO A 13 -2.30 -6.76 -11.55
C PRO A 13 -2.63 -6.14 -10.19
N ARG A 14 -2.38 -6.90 -9.14
CA ARG A 14 -2.59 -6.42 -7.78
C ARG A 14 -1.30 -5.85 -7.24
N GLU A 15 -0.20 -6.25 -7.85
CA GLU A 15 1.15 -5.79 -7.43
C GLU A 15 1.28 -4.27 -7.50
N PRO A 16 0.88 -3.63 -8.63
CA PRO A 16 0.96 -2.16 -8.73
C PRO A 16 0.08 -1.50 -7.63
N LEU A 17 -1.06 -2.11 -7.29
CA LEU A 17 -1.96 -1.59 -6.24
C LEU A 17 -1.23 -1.73 -4.87
N ILE A 18 -0.66 -2.91 -4.62
CA ILE A 18 0.08 -3.17 -3.38
C ILE A 18 1.24 -2.14 -3.33
N ALA A 19 1.92 -1.93 -4.46
CA ALA A 19 3.03 -0.96 -4.53
C ALA A 19 2.52 0.44 -4.13
N THR A 20 1.31 0.80 -4.60
CA THR A 20 0.71 2.10 -4.28
C THR A 20 0.43 2.16 -2.76
N ALA A 21 -0.08 1.05 -2.21
CA ALA A 21 -0.37 0.95 -0.77
C ALA A 21 0.92 1.09 0.05
N VAL A 22 2.04 0.58 -0.48
CA VAL A 22 3.32 0.68 0.21
C VAL A 22 3.71 2.19 0.32
N LYS A 23 3.52 2.94 -0.78
CA LYS A 23 3.84 4.39 -0.82
C LYS A 23 2.97 5.12 0.18
N PHE A 24 1.70 4.73 0.24
CA PHE A 24 0.73 5.30 1.16
C PHE A 24 1.24 5.07 2.60
N LEU A 25 1.58 3.82 2.94
CA LEU A 25 2.06 3.45 4.28
C LEU A 25 3.39 4.09 4.67
N GLN A 26 4.18 4.49 3.67
CA GLN A 26 5.48 5.12 3.92
C GLN A 26 5.35 6.64 4.08
N ASN A 27 4.18 7.19 3.75
CA ASN A 27 3.93 8.64 3.84
C ASN A 27 3.98 9.13 5.27
N SER A 28 4.69 10.24 5.48
CA SER A 28 4.85 10.83 6.82
C SER A 28 3.57 11.13 7.58
N ARG A 29 2.61 11.75 6.89
CA ARG A 29 1.32 12.08 7.50
C ARG A 29 0.55 10.80 7.82
N VAL A 30 0.58 9.85 6.90
CA VAL A 30 -0.12 8.59 7.07
C VAL A 30 0.39 7.81 8.29
N ARG A 31 1.71 7.78 8.46
CA ARG A 31 2.33 7.07 9.58
C ARG A 31 1.95 7.62 10.94
N GLN A 32 1.39 8.83 10.96
CA GLN A 32 0.97 9.46 12.21
C GLN A 32 -0.36 8.92 12.71
N SER A 33 -1.13 8.31 11.81
CA SER A 33 -2.43 7.77 12.16
C SER A 33 -2.32 6.40 12.82
N PRO A 34 -3.30 6.04 13.68
CA PRO A 34 -3.27 4.73 14.32
C PRO A 34 -3.25 3.61 13.27
N LEU A 35 -2.60 2.50 13.61
CA LEU A 35 -2.50 1.36 12.72
C LEU A 35 -3.87 0.95 12.15
N ALA A 36 -4.87 0.76 13.02
CA ALA A 36 -6.21 0.36 12.58
C ALA A 36 -6.79 1.28 11.52
N THR A 37 -6.47 2.57 11.66
CA THR A 37 -6.92 3.63 10.74
C THR A 37 -6.28 3.44 9.36
N ARG A 38 -4.98 3.13 9.34
CA ARG A 38 -4.25 2.90 8.09
C ARG A 38 -4.80 1.64 7.38
N ARG A 39 -5.02 0.56 8.13
CA ARG A 39 -5.56 -0.67 7.55
C ARG A 39 -6.97 -0.43 6.99
N ALA A 40 -7.82 0.22 7.80
CA ALA A 40 -9.20 0.52 7.39
C ALA A 40 -9.24 1.41 6.16
N PHE A 41 -8.32 2.37 6.08
CA PHE A 41 -8.27 3.28 4.92
C PHE A 41 -8.03 2.43 3.67
N LEU A 42 -7.04 1.52 3.74
CA LEU A 42 -6.71 0.64 2.62
C LEU A 42 -7.90 -0.28 2.26
N LYS A 43 -8.64 -0.75 3.28
CA LYS A 43 -9.79 -1.62 3.04
C LYS A 43 -10.87 -0.84 2.27
N LYS A 44 -11.12 0.42 2.63
CA LYS A 44 -12.14 1.24 1.94
C LYS A 44 -11.73 1.53 0.51
N LYS A 45 -10.43 1.41 0.24
CA LYS A 45 -9.87 1.64 -1.08
C LYS A 45 -10.02 0.35 -1.94
N GLY A 46 -10.46 -0.73 -1.32
CA GLY A 46 -10.65 -1.98 -2.02
C GLY A 46 -9.61 -3.07 -1.86
N LEU A 47 -8.61 -2.85 -1.01
CA LEU A 47 -7.60 -3.88 -0.79
C LEU A 47 -8.14 -4.89 0.25
N THR A 48 -7.69 -6.14 0.15
CA THR A 48 -8.13 -7.16 1.08
C THR A 48 -7.05 -7.20 2.20
N ASP A 49 -7.35 -7.85 3.31
CA ASP A 49 -6.39 -7.95 4.43
C ASP A 49 -5.10 -8.64 3.95
N GLU A 50 -5.23 -9.61 3.04
CA GLU A 50 -4.09 -10.35 2.49
C GLU A 50 -3.16 -9.36 1.76
N GLU A 51 -3.75 -8.48 0.96
CA GLU A 51 -2.99 -7.46 0.20
C GLU A 51 -2.39 -6.39 1.12
N ILE A 52 -3.14 -6.02 2.17
CA ILE A 52 -2.67 -5.02 3.13
C ILE A 52 -1.47 -5.58 3.90
N ASP A 53 -1.56 -6.86 4.31
CA ASP A 53 -0.48 -7.53 5.04
C ASP A 53 0.79 -7.47 4.17
N MET A 54 0.64 -7.80 2.87
CA MET A 54 1.76 -7.78 1.91
C MET A 54 2.35 -6.35 1.79
N ALA A 55 1.48 -5.33 1.80
CA ALA A 55 1.92 -3.93 1.72
C ALA A 55 2.78 -3.62 2.96
N PHE A 56 2.29 -3.99 4.15
CA PHE A 56 3.04 -3.73 5.39
C PHE A 56 4.38 -4.49 5.33
N GLN A 57 4.35 -5.73 4.85
CA GLN A 57 5.54 -6.54 4.76
C GLN A 57 6.64 -5.88 3.91
N GLN A 58 6.22 -5.24 2.82
CA GLN A 58 7.17 -4.58 1.92
C GLN A 58 7.47 -3.12 2.20
N SER A 59 6.81 -2.56 3.22
CA SER A 59 6.97 -1.16 3.61
C SER A 59 8.26 -0.79 4.29
N GLY A 60 8.99 -1.80 4.74
CA GLY A 60 10.23 -1.56 5.46
C GLY A 60 10.32 -2.37 6.73
N THR A 61 10.25 -3.68 6.59
CA THR A 61 10.37 -4.58 7.72
C THR A 61 11.80 -5.09 7.83
N ALA A 62 12.21 -5.85 6.82
CA ALA A 62 13.58 -6.29 6.70
C ALA A 62 14.08 -6.00 5.29
N ALA A 63 14.56 -4.77 5.10
CA ALA A 63 15.03 -4.33 3.80
C ALA A 63 16.37 -4.99 3.48
N ASP A 64 16.30 -6.15 2.84
CA ASP A 64 17.49 -6.90 2.50
C ASP A 64 18.08 -6.36 1.21
N GLU A 65 18.80 -5.25 1.34
CA GLU A 65 19.36 -4.55 0.20
C GLU A 65 20.55 -3.73 0.65
N PRO A 66 21.74 -4.03 0.12
CA PRO A 66 22.96 -3.29 0.44
C PRO A 66 23.04 -1.97 -0.32
N SER A 67 24.05 -1.17 0.01
CA SER A 67 24.34 0.09 -0.67
C SER A 67 23.29 1.16 -0.35
N SER A 68 22.48 0.90 0.68
CA SER A 68 21.45 1.84 1.08
C SER A 68 22.02 2.88 2.05
N LEU A 69 22.08 4.11 1.58
CA LEU A 69 22.60 5.21 2.39
C LEU A 69 21.45 6.06 2.90
N ALA B 1 -4.72 4.91 -8.93
CA ALA B 1 -5.12 5.96 -8.00
C ALA B 1 -3.90 6.72 -7.51
N SER B 2 -4.12 7.89 -6.95
CA SER B 2 -3.03 8.71 -6.46
C SER B 2 -2.94 8.61 -4.93
N GLU B 3 -1.74 8.34 -4.44
CA GLU B 3 -1.53 8.15 -3.01
C GLU B 3 -1.65 9.45 -2.24
N ASP B 4 -1.44 10.58 -2.91
CA ASP B 4 -1.56 11.89 -2.26
C ASP B 4 -3.03 12.17 -1.95
N GLU B 5 -3.92 11.71 -2.83
CA GLU B 5 -5.35 11.87 -2.62
C GLU B 5 -5.75 11.10 -1.37
N LEU B 6 -5.31 9.85 -1.33
CA LEU B 6 -5.57 9.00 -0.19
C LEU B 6 -5.05 9.63 1.08
N VAL B 7 -3.78 10.00 1.04
CA VAL B 7 -3.08 10.56 2.19
C VAL B 7 -3.84 11.72 2.80
N ALA B 8 -4.17 12.68 1.98
CA ALA B 8 -4.76 13.91 2.46
C ALA B 8 -6.24 13.72 2.76
N GLU B 9 -6.93 12.87 2.00
CA GLU B 9 -8.33 12.54 2.32
C GLU B 9 -8.38 11.90 3.70
N PHE B 10 -7.52 10.91 3.87
CA PHE B 10 -7.35 10.17 5.12
C PHE B 10 -7.14 11.12 6.28
N LEU B 11 -6.00 11.76 6.23
CA LEU B 11 -5.49 12.50 7.33
C LEU B 11 -6.20 13.83 7.55
N GLN B 12 -6.61 14.50 6.47
CA GLN B 12 -7.33 15.76 6.61
C GLN B 12 -8.77 15.53 7.08
N ASP B 13 -9.36 14.40 6.69
CA ASP B 13 -10.69 14.07 7.17
C ASP B 13 -10.64 13.82 8.66
N GLN B 14 -9.62 13.10 9.10
CA GLN B 14 -9.40 12.88 10.54
C GLN B 14 -9.11 14.19 11.25
N ASN B 15 -8.24 15.01 10.67
CA ASN B 15 -7.84 16.27 11.28
C ASN B 15 -9.03 17.22 11.39
#